data_4P4J
#
_entry.id   4P4J
#
_cell.length_a   102.318
_cell.length_b   130.025
_cell.length_c   159.704
_cell.angle_alpha   90.00
_cell.angle_beta   90.00
_cell.angle_gamma   90.00
#
_symmetry.space_group_name_H-M   'I 2 2 2'
#
loop_
_entity.id
_entity.type
_entity.pdbx_description
1 polymer 'Glutamate carboxypeptidase 2'
2 branched 2-acetamido-2-deoxy-beta-D-glucopyranose-(1-4)-2-acetamido-2-deoxy-beta-D-glucopyranose
3 branched alpha-D-mannopyranose-(1-3)-beta-D-mannopyranose-(1-4)-2-acetamido-2-deoxy-beta-D-glucopyranose-(1-4)-2-acetamido-2-deoxy-beta-D-glucopyranose
4 non-polymer 2-acetamido-2-deoxy-beta-D-glucopyranose
5 non-polymer 'ZINC ION'
6 non-polymer 'CALCIUM ION'
7 non-polymer 'CHLORIDE ION'
8 non-polymer 'N-[(S)-[(2R)-2-(benzoylamino)-2-carboxyethoxy](hydroxy)phosphoryl]-L-glutamic acid'
9 water water
#
_entity_poly.entity_id   1
_entity_poly.type   'polypeptide(L)'
_entity_poly.pdbx_seq_one_letter_code
;KSSNEATNITPKHNMKAFLDELKAENIKKFLYNFTQIPHLAGTEQNFQLAKQIQSQWKEFGLDSVELAHYDVLLSYPNKT
HPNYISIINEDGNEIFNTSLFEPPPPGYENVSDIVPPFSAFSPQGMPEGDLVYVNYARTEDFFKLERDMKINCSGKIVIA
RYGKVFRGNKVKNAQLAGAKGVILYSDPADYFAPGVKSYPDGWNLPGGGVQRGNILNLNGAGDPLTPGYPANEYAYRRGI
AEAVGLPSIPVHPIGYYDAQKLLEKMGGSAPPDSSWRGSLKVPYNVGPGFTGNFSTQKVKMHIHSTNEVTRIYNVIGTLR
GAVEPDRYVILGGHRDSWVFGGIDPQSGAAVVHEIVRSFGTLKKEGWRPRRTILFASWDAEEFGLLGSTEWAEENSRLLQ
ERGVAYINADSSIEGNYTLRVDCTPLMYSLVHNLTKELKSPDEGFEGKSLYESWTKKSPSPEFSGMPRISKLGSGNDFEV
FFQRLGIASGRARYTKNWETNKFSGYPLYHSVYETYELVEKFYDPMFKYHLTVAQVRGGMVFELANSIVLPFDCRDYAVV
LRKYADKIYSISMKHPQEMKTYSVSFDSLFSAVKNFTEIASKFSERLQDFDKSNPIVLRMMNDQLMFLERAFIDPLGLPD
RPFYRHVIYAPSSHNKYAGESFPGIYDALFDIESKVDPSKAWGEVKRQIYVAAFTVQAAAETLSEVA
;
_entity_poly.pdbx_strand_id   A
#
loop_
_chem_comp.id
_chem_comp.type
_chem_comp.name
_chem_comp.formula
2H9 non-polymer 'N-[(S)-[(2R)-2-(benzoylamino)-2-carboxyethoxy](hydroxy)phosphoryl]-L-glutamic acid' 'C15 H19 N2 O10 P'
BMA D-saccharide, beta linking beta-D-mannopyranose 'C6 H12 O6'
CA non-polymer 'CALCIUM ION' 'Ca 2'
CL non-polymer 'CHLORIDE ION' 'Cl -1'
MAN D-saccharide, alpha linking alpha-D-mannopyranose 'C6 H12 O6'
NAG D-saccharide, beta linking 2-acetamido-2-deoxy-beta-D-glucopyranose 'C8 H15 N O6'
ZN non-polymer 'ZINC ION' 'Zn 2'
#
# COMPACT_ATOMS: atom_id res chain seq x y z
N LYS A 12 1.96 -15.36 -34.81
CA LYS A 12 3.05 -15.65 -33.84
C LYS A 12 2.64 -15.41 -32.39
N HIS A 13 3.48 -15.91 -31.46
CA HIS A 13 3.32 -15.69 -30.02
C HIS A 13 4.30 -14.62 -29.55
N ASN A 14 3.81 -13.40 -29.44
CA ASN A 14 4.64 -12.28 -29.03
C ASN A 14 3.77 -11.47 -28.11
N MET A 15 4.26 -10.30 -27.72
CA MET A 15 3.47 -9.56 -26.72
C MET A 15 2.13 -9.15 -27.30
N LYS A 16 2.10 -8.78 -28.57
CA LYS A 16 0.86 -8.31 -29.17
C LYS A 16 -0.22 -9.41 -29.13
N ALA A 17 0.19 -10.68 -29.30
CA ALA A 17 -0.77 -11.79 -29.23
C ALA A 17 -1.36 -11.91 -27.82
N PHE A 18 -0.48 -11.83 -26.83
CA PHE A 18 -0.92 -11.80 -25.45
C PHE A 18 -1.90 -10.64 -25.18
N LEU A 19 -1.52 -9.43 -25.58
CA LEU A 19 -2.34 -8.25 -25.33
C LEU A 19 -3.70 -8.33 -26.01
N ASP A 20 -3.71 -8.77 -27.27
CA ASP A 20 -4.97 -8.80 -28.06
C ASP A 20 -5.96 -9.81 -27.49
N GLU A 21 -5.47 -10.80 -26.74
CA GLU A 21 -6.35 -11.85 -26.21
C GLU A 21 -7.15 -11.35 -24.99
N LEU A 22 -6.63 -10.35 -24.29
CA LEU A 22 -7.34 -9.72 -23.16
C LEU A 22 -8.63 -9.04 -23.59
N LYS A 23 -9.70 -9.24 -22.82
CA LYS A 23 -11.03 -8.70 -23.21
C LYS A 23 -11.71 -8.00 -22.05
N ALA A 24 -12.21 -6.80 -22.31
CA ALA A 24 -12.94 -6.02 -21.32
C ALA A 24 -14.16 -6.79 -20.80
N GLU A 25 -14.87 -7.51 -21.68
N GLU A 25 -14.85 -7.50 -21.71
CA GLU A 25 -16.09 -8.20 -21.28
CA GLU A 25 -16.06 -8.27 -21.41
C GLU A 25 -15.78 -9.35 -20.31
C GLU A 25 -15.79 -9.38 -20.37
N ASN A 26 -14.61 -9.98 -20.47
CA ASN A 26 -14.16 -11.02 -19.51
C ASN A 26 -13.87 -10.42 -18.15
N ILE A 27 -13.23 -9.26 -18.12
CA ILE A 27 -12.89 -8.61 -16.84
C ILE A 27 -14.21 -8.26 -16.12
N LYS A 28 -15.19 -7.77 -16.88
CA LYS A 28 -16.52 -7.43 -16.36
C LYS A 28 -17.20 -8.65 -15.75
N LYS A 29 -17.22 -9.77 -16.48
CA LYS A 29 -17.83 -11.02 -16.01
C LYS A 29 -17.13 -11.51 -14.73
N PHE A 30 -15.80 -11.43 -14.71
CA PHE A 30 -15.08 -11.88 -13.52
C PHE A 30 -15.37 -10.95 -12.34
N LEU A 31 -15.40 -9.63 -12.57
CA LEU A 31 -15.68 -8.72 -11.46
C LEU A 31 -17.06 -9.00 -10.87
N TYR A 32 -18.07 -9.16 -11.72
CA TYR A 32 -19.41 -9.51 -11.22
C TYR A 32 -19.33 -10.79 -10.37
N ASN A 33 -18.64 -11.80 -10.89
CA ASN A 33 -18.53 -13.09 -10.21
C ASN A 33 -17.88 -13.02 -8.82
N PHE A 34 -16.95 -12.07 -8.64
CA PHE A 34 -16.17 -11.97 -7.41
C PHE A 34 -16.79 -11.08 -6.34
N THR A 35 -17.93 -10.42 -6.64
CA THR A 35 -18.41 -9.35 -5.77
C THR A 35 -19.90 -9.48 -5.35
N GLN A 36 -20.46 -10.67 -5.52
N GLN A 36 -20.50 -10.65 -5.52
CA GLN A 36 -21.86 -10.93 -5.15
CA GLN A 36 -21.90 -10.81 -5.11
C GLN A 36 -22.08 -11.15 -3.64
C GLN A 36 -22.07 -11.05 -3.60
N ILE A 37 -21.04 -11.63 -2.96
CA ILE A 37 -21.10 -11.86 -1.51
C ILE A 37 -19.79 -11.33 -0.91
N PRO A 38 -19.78 -11.05 0.40
CA PRO A 38 -18.51 -10.64 1.04
C PRO A 38 -17.45 -11.76 1.01
N HIS A 39 -16.18 -11.38 0.95
CA HIS A 39 -15.06 -12.34 0.99
C HIS A 39 -14.05 -11.89 2.06
N LEU A 40 -14.56 -11.73 3.27
CA LEU A 40 -13.69 -11.35 4.42
C LEU A 40 -12.64 -12.41 4.69
N ALA A 41 -11.39 -11.98 4.95
CA ALA A 41 -10.34 -12.94 5.29
C ALA A 41 -10.74 -13.82 6.48
N GLY A 42 -10.40 -15.10 6.35
CA GLY A 42 -10.64 -16.10 7.41
C GLY A 42 -12.05 -16.66 7.42
N THR A 43 -12.90 -16.23 6.49
CA THR A 43 -14.28 -16.76 6.44
C THR A 43 -14.44 -17.87 5.41
N GLU A 44 -15.51 -18.67 5.57
CA GLU A 44 -15.74 -19.78 4.66
C GLU A 44 -15.90 -19.32 3.20
N GLN A 45 -16.60 -18.19 3.03
N GLN A 45 -16.57 -18.20 2.97
CA GLN A 45 -16.83 -17.58 1.71
CA GLN A 45 -16.78 -17.80 1.59
C GLN A 45 -15.51 -17.35 0.98
C GLN A 45 -15.53 -17.23 0.92
N ASN A 46 -14.52 -16.83 1.70
CA ASN A 46 -13.24 -16.52 1.09
C ASN A 46 -12.38 -17.77 0.77
N PHE A 47 -12.55 -18.81 1.58
CA PHE A 47 -11.94 -20.12 1.28
C PHE A 47 -12.59 -20.71 0.03
N GLN A 48 -13.93 -20.65 -0.06
N GLN A 48 -13.93 -20.61 -0.03
CA GLN A 48 -14.56 -21.16 -1.29
CA GLN A 48 -14.68 -21.07 -1.22
C GLN A 48 -14.09 -20.40 -2.54
C GLN A 48 -14.25 -20.37 -2.52
N LEU A 49 -13.98 -19.06 -2.45
CA LEU A 49 -13.49 -18.31 -3.59
C LEU A 49 -12.05 -18.73 -3.90
N ALA A 50 -11.20 -18.90 -2.88
CA ALA A 50 -9.87 -19.46 -3.18
C ALA A 50 -9.89 -20.76 -3.99
N LYS A 51 -10.76 -21.69 -3.62
CA LYS A 51 -10.87 -22.97 -4.31
C LYS A 51 -11.35 -22.76 -5.74
N GLN A 52 -12.27 -21.82 -5.93
CA GLN A 52 -12.79 -21.50 -7.27
C GLN A 52 -11.64 -20.97 -8.15
N ILE A 53 -10.89 -20.01 -7.64
CA ILE A 53 -9.78 -19.44 -8.40
C ILE A 53 -8.73 -20.52 -8.73
N GLN A 54 -8.41 -21.35 -7.74
CA GLN A 54 -7.48 -22.47 -7.96
C GLN A 54 -7.96 -23.35 -9.14
N SER A 55 -9.23 -23.75 -9.11
CA SER A 55 -9.80 -24.58 -10.17
C SER A 55 -9.74 -23.91 -11.55
N GLN A 56 -10.10 -22.61 -11.56
CA GLN A 56 -10.11 -21.89 -12.83
C GLN A 56 -8.72 -21.68 -13.37
N TRP A 57 -7.74 -21.34 -12.52
CA TRP A 57 -6.36 -21.16 -13.03
C TRP A 57 -5.82 -22.47 -13.61
N LYS A 58 -6.23 -23.60 -13.03
CA LYS A 58 -5.84 -24.91 -13.62
C LYS A 58 -6.48 -25.08 -15.00
N GLU A 59 -7.76 -24.80 -15.14
N GLU A 59 -7.78 -24.81 -15.08
CA GLU A 59 -8.44 -24.97 -16.42
CA GLU A 59 -8.58 -24.86 -16.33
C GLU A 59 -7.93 -23.95 -17.45
C GLU A 59 -7.87 -24.00 -17.39
N PHE A 60 -7.46 -22.79 -16.97
CA PHE A 60 -6.87 -21.79 -17.86
C PHE A 60 -5.52 -22.27 -18.43
N GLY A 61 -4.86 -23.21 -17.74
CA GLY A 61 -3.66 -23.85 -18.30
C GLY A 61 -2.38 -23.77 -17.50
N LEU A 62 -2.42 -23.20 -16.31
CA LEU A 62 -1.20 -23.15 -15.49
C LEU A 62 -0.66 -24.56 -15.18
N ASP A 63 0.66 -24.67 -15.06
CA ASP A 63 1.30 -25.97 -14.82
C ASP A 63 0.97 -26.56 -13.45
N SER A 64 0.92 -25.69 -12.45
CA SER A 64 0.54 -26.10 -11.11
C SER A 64 -0.22 -24.95 -10.44
N VAL A 65 -1.19 -25.28 -9.61
CA VAL A 65 -1.90 -24.24 -8.86
C VAL A 65 -2.19 -24.83 -7.48
N GLU A 66 -1.58 -24.25 -6.45
CA GLU A 66 -1.75 -24.80 -5.10
C GLU A 66 -2.29 -23.77 -4.12
N LEU A 67 -2.89 -24.22 -3.03
CA LEU A 67 -3.19 -23.29 -1.94
C LEU A 67 -2.04 -23.34 -0.92
N ALA A 68 -1.62 -22.17 -0.43
CA ALA A 68 -0.62 -22.09 0.61
C ALA A 68 -1.37 -21.49 1.81
N HIS A 69 -1.55 -22.27 2.88
CA HIS A 69 -2.32 -21.76 4.03
C HIS A 69 -1.41 -21.48 5.23
N TYR A 70 -1.87 -20.54 6.09
CA TYR A 70 -1.16 -20.14 7.31
C TYR A 70 -2.23 -19.88 8.35
N ASP A 71 -1.84 -19.92 9.63
CA ASP A 71 -2.76 -19.64 10.71
C ASP A 71 -2.25 -18.38 11.38
N VAL A 72 -2.98 -17.27 11.15
CA VAL A 72 -2.52 -15.94 11.55
C VAL A 72 -3.49 -15.23 12.47
N LEU A 73 -3.00 -14.18 13.13
CA LEU A 73 -3.92 -13.41 14.02
C LEU A 73 -4.84 -12.51 13.20
N LEU A 74 -6.16 -12.75 13.30
CA LEU A 74 -7.16 -11.87 12.65
C LEU A 74 -8.00 -11.23 13.77
N SER A 75 -8.97 -10.38 13.39
CA SER A 75 -9.77 -9.63 14.39
C SER A 75 -11.17 -9.49 13.83
N TYR A 76 -12.17 -9.73 14.68
CA TYR A 76 -13.56 -9.61 14.24
C TYR A 76 -14.45 -9.04 15.34
N PRO A 77 -15.50 -8.33 14.94
CA PRO A 77 -16.47 -7.95 15.99
C PRO A 77 -17.17 -9.16 16.62
N ASN A 78 -17.69 -8.95 17.83
CA ASN A 78 -18.50 -9.99 18.47
C ASN A 78 -19.95 -9.85 17.99
N LYS A 79 -20.45 -10.86 17.28
CA LYS A 79 -21.79 -10.81 16.63
C LYS A 79 -22.92 -10.58 17.63
N THR A 80 -22.72 -10.97 18.88
CA THR A 80 -23.78 -10.81 19.90
C THR A 80 -23.53 -9.72 20.97
N HIS A 81 -22.51 -8.91 20.75
CA HIS A 81 -22.14 -7.85 21.65
C HIS A 81 -21.55 -6.72 20.79
N PRO A 82 -22.41 -5.93 20.12
CA PRO A 82 -21.96 -4.99 19.08
C PRO A 82 -21.16 -3.79 19.58
N ASN A 83 -20.26 -3.33 18.72
CA ASN A 83 -19.47 -2.14 18.99
C ASN A 83 -20.29 -0.87 18.73
N TYR A 84 -20.20 0.11 19.64
CA TYR A 84 -20.83 1.41 19.36
C TYR A 84 -20.23 2.47 20.26
N ILE A 85 -20.56 3.73 19.98
CA ILE A 85 -20.10 4.85 20.78
C ILE A 85 -21.33 5.61 21.27
N SER A 86 -21.24 6.16 22.50
CA SER A 86 -22.32 6.95 23.08
C SER A 86 -21.90 8.33 23.54
N ILE A 87 -22.88 9.26 23.61
CA ILE A 87 -22.74 10.41 24.49
C ILE A 87 -23.54 10.03 25.71
N ILE A 88 -22.93 10.17 26.88
CA ILE A 88 -23.54 9.72 28.14
C ILE A 88 -23.73 10.95 29.05
N ASN A 89 -24.90 11.07 29.65
CA ASN A 89 -25.10 12.17 30.59
C ASN A 89 -24.56 11.86 31.99
N GLU A 90 -24.65 12.85 32.89
CA GLU A 90 -24.09 12.75 34.25
C GLU A 90 -24.67 11.60 35.08
N ASP A 91 -25.90 11.21 34.77
CA ASP A 91 -26.58 10.08 35.43
C ASP A 91 -26.15 8.73 34.90
N GLY A 92 -25.44 8.74 33.77
CA GLY A 92 -25.03 7.51 33.12
C GLY A 92 -26.00 7.02 32.06
N ASN A 93 -26.95 7.86 31.65
CA ASN A 93 -27.83 7.53 30.53
C ASN A 93 -27.14 7.82 29.20
N GLU A 94 -27.20 6.84 28.30
CA GLU A 94 -26.67 7.00 26.94
C GLU A 94 -27.71 7.68 26.08
N ILE A 95 -27.49 8.96 25.82
CA ILE A 95 -28.47 9.82 25.13
C ILE A 95 -28.33 9.88 23.62
N PHE A 96 -27.21 9.37 23.10
CA PHE A 96 -27.02 9.27 21.68
C PHE A 96 -26.11 8.06 21.44
N ASN A 97 -26.45 7.23 20.46
CA ASN A 97 -25.65 6.08 20.09
C ASN A 97 -25.30 6.11 18.63
N THR A 98 -24.06 5.78 18.30
CA THR A 98 -23.69 5.63 16.91
C THR A 98 -24.32 4.37 16.31
N SER A 99 -24.35 4.31 14.98
CA SER A 99 -25.01 3.21 14.26
C SER A 99 -24.39 1.84 14.53
N LEU A 100 -25.21 0.78 14.44
CA LEU A 100 -24.69 -0.59 14.58
C LEU A 100 -24.28 -1.21 13.24
N PHE A 101 -24.67 -0.57 12.13
CA PHE A 101 -24.34 -1.06 10.79
C PHE A 101 -24.64 0.03 9.74
N GLU A 102 -24.06 -0.09 8.54
CA GLU A 102 -24.36 0.86 7.46
C GLU A 102 -25.67 0.42 6.79
N PRO A 103 -26.57 1.35 6.51
CA PRO A 103 -27.78 0.96 5.77
C PRO A 103 -27.39 0.26 4.44
N PRO A 104 -27.84 -0.98 4.23
CA PRO A 104 -27.31 -1.66 3.03
C PRO A 104 -27.86 -1.06 1.73
N PRO A 105 -27.07 -1.15 0.63
CA PRO A 105 -27.51 -0.55 -0.62
C PRO A 105 -28.65 -1.33 -1.29
N PRO A 106 -29.34 -0.70 -2.26
CA PRO A 106 -30.48 -1.33 -2.94
C PRO A 106 -30.22 -2.77 -3.42
N GLY A 107 -31.06 -3.70 -3.00
CA GLY A 107 -30.96 -5.06 -3.49
C GLY A 107 -30.03 -5.95 -2.65
N TYR A 108 -29.33 -5.34 -1.70
CA TYR A 108 -28.42 -6.05 -0.76
C TYR A 108 -28.89 -6.02 0.68
N GLU A 109 -30.11 -5.55 0.89
CA GLU A 109 -30.64 -5.41 2.22
C GLU A 109 -30.89 -6.78 2.89
N ASN A 110 -30.83 -7.86 2.12
CA ASN A 110 -30.94 -9.23 2.66
C ASN A 110 -29.66 -10.08 2.55
N VAL A 111 -28.55 -9.43 2.21
CA VAL A 111 -27.28 -10.13 2.13
C VAL A 111 -26.73 -10.40 3.55
N SER A 112 -26.40 -11.67 3.80
CA SER A 112 -25.80 -12.14 5.06
C SER A 112 -24.31 -11.82 5.16
N ASP A 113 -23.82 -11.78 6.41
CA ASP A 113 -22.39 -11.80 6.66
C ASP A 113 -21.71 -10.50 6.20
N ILE A 114 -22.43 -9.38 6.20
CA ILE A 114 -21.71 -8.08 6.05
C ILE A 114 -21.15 -7.71 7.41
N VAL A 115 -19.81 -7.68 7.53
CA VAL A 115 -19.19 -7.34 8.80
C VAL A 115 -19.55 -5.88 9.12
N PRO A 116 -20.07 -5.59 10.32
CA PRO A 116 -20.33 -4.16 10.60
C PRO A 116 -19.03 -3.35 10.69
N PRO A 117 -19.12 -2.02 10.50
CA PRO A 117 -17.89 -1.22 10.62
C PRO A 117 -17.16 -1.45 11.96
N PHE A 118 -15.83 -1.68 11.89
CA PHE A 118 -15.00 -1.77 13.07
C PHE A 118 -13.57 -1.49 12.67
N SER A 119 -12.70 -1.26 13.68
CA SER A 119 -11.28 -1.06 13.38
C SER A 119 -10.60 -2.38 13.76
N ALA A 120 -10.09 -3.11 12.76
CA ALA A 120 -9.48 -4.41 13.08
C ALA A 120 -8.24 -4.24 13.97
N PHE A 121 -8.23 -5.09 15.00
CA PHE A 121 -7.21 -5.27 16.03
C PHE A 121 -7.34 -4.31 17.20
N SER A 122 -8.40 -3.50 17.24
CA SER A 122 -8.69 -2.72 18.44
C SER A 122 -8.74 -3.67 19.65
N PRO A 123 -8.13 -3.27 20.77
CA PRO A 123 -8.42 -4.02 21.99
C PRO A 123 -9.84 -3.75 22.48
N GLN A 124 -10.30 -4.56 23.44
CA GLN A 124 -11.59 -4.34 24.07
C GLN A 124 -11.51 -3.21 25.08
N GLY A 125 -12.63 -2.54 25.30
CA GLY A 125 -12.68 -1.57 26.38
C GLY A 125 -13.94 -0.76 26.33
N MET A 126 -14.23 -0.09 27.44
CA MET A 126 -15.36 0.84 27.53
C MET A 126 -14.93 2.19 28.11
N PRO A 127 -13.89 2.82 27.53
CA PRO A 127 -13.39 4.09 28.06
C PRO A 127 -14.43 5.21 27.95
N GLU A 128 -14.48 6.06 28.97
CA GLU A 128 -15.43 7.14 29.04
C GLU A 128 -14.63 8.40 29.30
N GLY A 129 -14.87 9.47 28.52
CA GLY A 129 -14.14 10.72 28.79
C GLY A 129 -14.47 11.91 27.92
N ASP A 130 -13.61 12.92 27.98
CA ASP A 130 -13.82 14.17 27.24
C ASP A 130 -13.13 14.06 25.90
N LEU A 131 -13.79 14.57 24.85
CA LEU A 131 -13.23 14.56 23.50
C LEU A 131 -12.22 15.66 23.23
N VAL A 132 -11.18 15.31 22.48
CA VAL A 132 -10.30 16.29 21.86
C VAL A 132 -10.30 15.97 20.35
N TYR A 133 -10.53 17.00 19.53
CA TYR A 133 -10.47 16.86 18.08
C TYR A 133 -9.07 17.16 17.58
N VAL A 134 -8.51 16.22 16.82
CA VAL A 134 -7.08 16.24 16.47
C VAL A 134 -6.81 16.34 14.96
N ASN A 135 -7.78 16.86 14.22
CA ASN A 135 -7.67 17.00 12.76
C ASN A 135 -7.44 15.61 12.15
N TYR A 136 -6.37 15.43 11.35
CA TYR A 136 -6.08 14.15 10.74
C TYR A 136 -5.22 13.23 11.60
N ALA A 137 -4.95 13.67 12.85
CA ALA A 137 -4.10 12.91 13.78
C ALA A 137 -2.69 12.63 13.22
N ARG A 138 -2.21 13.54 12.38
CA ARG A 138 -0.83 13.46 11.86
C ARG A 138 0.16 13.92 12.91
N THR A 139 1.44 13.57 12.69
CA THR A 139 2.49 14.03 13.59
C THR A 139 2.44 15.54 13.77
N GLU A 140 2.28 16.28 12.67
CA GLU A 140 2.25 17.75 12.78
C GLU A 140 0.97 18.26 13.47
N ASP A 141 -0.11 17.47 13.44
CA ASP A 141 -1.36 17.89 14.12
C ASP A 141 -1.18 17.79 15.64
N PHE A 142 -0.51 16.73 16.09
CA PHE A 142 -0.18 16.60 17.50
C PHE A 142 0.89 17.60 17.96
N PHE A 143 1.89 17.87 17.12
CA PHE A 143 2.83 18.97 17.42
C PHE A 143 2.05 20.27 17.68
N LYS A 144 1.10 20.59 16.79
CA LYS A 144 0.31 21.84 16.90
C LYS A 144 -0.48 21.89 18.23
N LEU A 145 -1.16 20.79 18.56
CA LEU A 145 -1.92 20.67 19.82
C LEU A 145 -1.04 20.85 21.06
N GLU A 146 0.01 20.03 21.20
N GLU A 146 0.04 20.08 21.10
CA GLU A 146 0.84 20.07 22.41
CA GLU A 146 0.89 19.91 22.27
C GLU A 146 1.70 21.32 22.47
C GLU A 146 1.89 21.04 22.51
N ARG A 147 2.50 21.54 21.43
CA ARG A 147 3.52 22.59 21.46
C ARG A 147 2.99 24.03 21.31
N ASP A 148 2.07 24.23 20.38
CA ASP A 148 1.54 25.55 20.09
C ASP A 148 0.28 25.85 20.91
N MET A 149 -0.66 24.93 20.98
CA MET A 149 -1.93 25.19 21.66
C MET A 149 -1.95 24.81 23.14
N LYS A 150 -0.93 24.07 23.59
CA LYS A 150 -0.82 23.57 24.97
C LYS A 150 -2.02 22.73 25.39
N ILE A 151 -2.55 21.95 24.44
CA ILE A 151 -3.67 21.08 24.74
C ILE A 151 -3.14 19.69 25.03
N ASN A 152 -3.53 19.12 26.17
CA ASN A 152 -2.98 17.85 26.62
C ASN A 152 -4.00 16.73 26.33
N CYS A 153 -3.58 15.75 25.51
CA CYS A 153 -4.47 14.66 25.10
C CYS A 153 -4.51 13.53 26.10
N SER A 154 -3.68 13.62 27.13
CA SER A 154 -3.58 12.52 28.07
C SER A 154 -4.90 12.20 28.79
N GLY A 155 -5.30 10.92 28.72
CA GLY A 155 -6.59 10.52 29.29
C GLY A 155 -7.84 11.03 28.58
N LYS A 156 -7.68 11.60 27.37
CA LYS A 156 -8.82 12.08 26.59
C LYS A 156 -9.18 11.05 25.51
N ILE A 157 -10.41 11.12 25.03
CA ILE A 157 -10.77 10.37 23.81
C ILE A 157 -10.54 11.30 22.63
N VAL A 158 -9.74 10.86 21.66
CA VAL A 158 -9.47 11.69 20.52
C VAL A 158 -10.40 11.35 19.35
N ILE A 159 -10.88 12.38 18.67
CA ILE A 159 -11.65 12.15 17.45
C ILE A 159 -10.86 12.76 16.29
N ALA A 160 -10.63 11.94 15.27
CA ALA A 160 -9.77 12.32 14.17
C ALA A 160 -10.51 12.03 12.86
N ARG A 161 -10.33 12.90 11.87
CA ARG A 161 -10.83 12.58 10.54
C ARG A 161 -9.88 11.71 9.76
N TYR A 162 -10.46 10.77 9.01
CA TYR A 162 -9.69 9.94 8.10
C TYR A 162 -9.12 10.84 7.01
N GLY A 163 -8.03 10.40 6.40
CA GLY A 163 -7.47 11.09 5.25
C GLY A 163 -5.98 11.39 5.49
N LYS A 164 -5.30 11.73 4.40
CA LYS A 164 -3.88 12.21 4.45
C LYS A 164 -2.83 11.15 4.80
N VAL A 165 -3.08 10.32 5.82
CA VAL A 165 -2.09 9.28 6.23
C VAL A 165 -2.80 8.00 6.60
N PHE A 166 -2.03 6.90 6.58
CA PHE A 166 -2.54 5.58 6.98
C PHE A 166 -3.15 5.61 8.40
N ARG A 167 -4.30 4.97 8.56
CA ARG A 167 -5.02 5.07 9.86
C ARG A 167 -4.23 4.46 11.04
N GLY A 168 -3.37 3.47 10.78
CA GLY A 168 -2.52 2.92 11.84
C GLY A 168 -1.56 4.00 12.40
N ASN A 169 -1.02 4.86 11.54
CA ASN A 169 -0.20 5.99 12.04
C ASN A 169 -0.96 6.96 12.94
N LYS A 170 -2.23 7.23 12.59
CA LYS A 170 -3.09 8.09 13.43
C LYS A 170 -3.21 7.50 14.84
N VAL A 171 -3.44 6.19 14.93
CA VAL A 171 -3.63 5.53 16.20
C VAL A 171 -2.31 5.51 17.00
N LYS A 172 -1.20 5.26 16.30
CA LYS A 172 0.11 5.28 16.97
C LYS A 172 0.34 6.67 17.56
N ASN A 173 0.04 7.69 16.76
CA ASN A 173 0.21 9.08 17.21
C ASN A 173 -0.69 9.43 18.41
N ALA A 174 -1.93 8.97 18.37
CA ALA A 174 -2.88 9.24 19.46
C ALA A 174 -2.40 8.55 20.75
N GLN A 175 -1.93 7.31 20.61
CA GLN A 175 -1.48 6.51 21.76
C GLN A 175 -0.29 7.19 22.41
N LEU A 176 0.66 7.65 21.59
CA LEU A 176 1.84 8.35 22.13
C LEU A 176 1.50 9.70 22.76
N ALA A 177 0.41 10.31 22.34
CA ALA A 177 -0.09 11.54 22.97
C ALA A 177 -0.81 11.26 24.29
N GLY A 178 -1.00 10.00 24.64
CA GLY A 178 -1.68 9.66 25.91
C GLY A 178 -3.18 9.47 25.83
N ALA A 179 -3.74 9.44 24.61
CA ALA A 179 -5.19 9.24 24.46
C ALA A 179 -5.63 7.89 25.05
N LYS A 180 -6.87 7.82 25.55
CA LYS A 180 -7.38 6.55 26.04
C LYS A 180 -8.34 5.90 25.02
N GLY A 181 -8.54 6.55 23.89
CA GLY A 181 -9.35 5.94 22.82
C GLY A 181 -9.33 6.80 21.59
N VAL A 182 -9.72 6.24 20.44
CA VAL A 182 -9.68 7.01 19.19
C VAL A 182 -10.98 6.74 18.43
N ILE A 183 -11.64 7.79 18.01
CA ILE A 183 -12.77 7.69 17.11
C ILE A 183 -12.32 8.22 15.78
N LEU A 184 -12.45 7.41 14.72
CA LEU A 184 -12.11 7.82 13.34
C LEU A 184 -13.40 8.12 12.59
N TYR A 185 -13.43 9.18 11.80
CA TYR A 185 -14.67 9.44 11.03
C TYR A 185 -14.32 9.96 9.65
N SER A 186 -15.27 9.83 8.71
CA SER A 186 -15.08 10.32 7.35
C SER A 186 -15.73 11.70 7.18
N ASP A 187 -14.93 12.74 7.02
CA ASP A 187 -15.49 14.08 6.84
C ASP A 187 -15.86 14.29 5.36
N PRO A 188 -17.04 14.90 5.08
CA PRO A 188 -17.36 15.21 3.70
C PRO A 188 -16.30 16.04 3.00
N ALA A 189 -15.53 16.84 3.75
CA ALA A 189 -14.41 17.56 3.11
C ALA A 189 -13.46 16.63 2.32
N ASP A 190 -13.28 15.42 2.85
CA ASP A 190 -12.34 14.46 2.31
C ASP A 190 -13.01 13.33 1.51
N TYR A 191 -14.32 13.13 1.69
CA TYR A 191 -14.97 11.94 1.10
C TYR A 191 -16.29 12.28 0.38
N PHE A 192 -16.50 13.56 0.09
CA PHE A 192 -17.71 13.94 -0.64
C PHE A 192 -17.29 14.97 -1.70
N ALA A 193 -17.16 14.53 -2.94
CA ALA A 193 -16.77 15.40 -4.03
C ALA A 193 -17.94 16.33 -4.39
N PRO A 194 -17.67 17.64 -4.54
CA PRO A 194 -18.70 18.63 -4.90
C PRO A 194 -19.39 18.29 -6.23
N GLY A 195 -20.73 18.39 -6.25
CA GLY A 195 -21.54 18.21 -7.46
C GLY A 195 -21.79 16.76 -7.88
N VAL A 196 -21.43 15.82 -7.00
CA VAL A 196 -21.72 14.40 -7.24
C VAL A 196 -22.67 13.90 -6.15
N LYS A 197 -23.56 12.98 -6.51
CA LYS A 197 -24.54 12.45 -5.58
C LYS A 197 -23.96 11.29 -4.74
N SER A 198 -24.47 11.14 -3.53
CA SER A 198 -24.20 9.94 -2.68
C SER A 198 -24.70 8.67 -3.34
N TYR A 199 -24.01 7.56 -3.07
CA TYR A 199 -24.46 6.24 -3.47
C TYR A 199 -25.88 6.02 -2.95
N PRO A 200 -26.79 5.42 -3.75
CA PRO A 200 -26.63 4.74 -5.05
C PRO A 200 -26.74 5.63 -6.30
N ASP A 201 -26.90 6.93 -6.14
CA ASP A 201 -27.13 7.80 -7.28
C ASP A 201 -25.86 8.48 -7.78
N GLY A 202 -24.75 8.23 -7.07
CA GLY A 202 -23.47 8.72 -7.52
C GLY A 202 -22.40 7.99 -6.73
N TRP A 203 -21.16 8.45 -6.87
CA TRP A 203 -20.04 7.73 -6.23
C TRP A 203 -19.56 8.33 -4.91
N ASN A 204 -20.33 9.25 -4.33
CA ASN A 204 -19.98 9.84 -3.01
C ASN A 204 -20.40 9.00 -1.81
N LEU A 205 -19.78 9.28 -0.67
CA LEU A 205 -20.07 8.59 0.60
C LEU A 205 -21.30 9.22 1.25
N PRO A 206 -22.34 8.40 1.51
CA PRO A 206 -23.44 8.94 2.29
C PRO A 206 -23.10 9.12 3.76
N GLY A 207 -23.97 9.85 4.47
CA GLY A 207 -23.72 10.15 5.88
C GLY A 207 -23.66 8.92 6.78
N GLY A 208 -24.29 7.83 6.35
CA GLY A 208 -24.30 6.57 7.09
C GLY A 208 -23.16 5.61 6.69
N GLY A 209 -22.39 6.00 5.68
CA GLY A 209 -21.26 5.17 5.21
C GLY A 209 -20.08 5.25 6.16
N VAL A 210 -19.34 4.15 6.25
CA VAL A 210 -18.20 4.04 7.18
C VAL A 210 -17.07 3.24 6.54
N GLN A 211 -15.85 3.74 6.78
CA GLN A 211 -14.62 3.10 6.31
C GLN A 211 -14.09 2.12 7.35
N ARG A 212 -14.19 0.83 7.03
CA ARG A 212 -13.47 -0.22 7.79
C ARG A 212 -11.95 -0.09 7.59
N GLY A 213 -11.18 -0.83 8.39
CA GLY A 213 -9.72 -1.00 8.09
C GLY A 213 -8.93 -1.32 9.35
N ASN A 214 -7.79 -2.01 9.16
CA ASN A 214 -6.95 -2.31 10.31
C ASN A 214 -6.15 -1.10 10.75
N ILE A 215 -5.78 -1.14 12.03
CA ILE A 215 -5.06 -0.03 12.70
C ILE A 215 -3.74 -0.53 13.32
N LEU A 216 -3.14 -1.53 12.67
CA LEU A 216 -1.85 -2.06 13.16
C LEU A 216 -0.70 -1.13 12.78
N ASN A 217 0.44 -1.32 13.49
CA ASN A 217 1.73 -0.72 13.09
C ASN A 217 2.78 -1.83 13.02
N LEU A 218 2.66 -2.63 11.96
CA LEU A 218 3.49 -3.83 11.84
C LEU A 218 4.90 -3.54 11.36
N ASN A 219 5.10 -2.40 10.67
CA ASN A 219 6.44 -2.11 10.06
C ASN A 219 7.03 -3.29 9.26
N GLY A 220 6.18 -3.98 8.49
CA GLY A 220 6.65 -5.09 7.66
C GLY A 220 6.69 -6.47 8.29
N ALA A 221 6.18 -6.59 9.51
CA ALA A 221 6.41 -7.88 10.23
C ALA A 221 5.55 -9.05 9.73
N GLY A 222 4.39 -8.75 9.14
CA GLY A 222 3.45 -9.82 8.77
C GLY A 222 2.61 -10.22 9.98
N ASP A 223 2.24 -11.50 10.09
CA ASP A 223 1.41 -11.94 11.23
C ASP A 223 2.02 -11.46 12.55
N PRO A 224 1.22 -10.76 13.39
CA PRO A 224 1.72 -10.21 14.65
C PRO A 224 2.40 -11.24 15.55
N LEU A 225 2.01 -12.50 15.41
CA LEU A 225 2.53 -13.53 16.36
C LEU A 225 3.81 -14.27 15.91
N THR A 226 4.21 -14.11 14.66
CA THR A 226 5.35 -14.93 14.13
C THR A 226 6.33 -14.11 13.28
N PRO A 227 6.78 -12.95 13.79
CA PRO A 227 7.69 -12.18 12.93
C PRO A 227 8.99 -12.91 12.55
N GLY A 228 9.27 -12.93 11.25
CA GLY A 228 10.52 -13.57 10.74
C GLY A 228 10.29 -14.94 10.13
N TYR A 229 9.16 -15.58 10.45
CA TYR A 229 8.99 -17.03 10.11
C TYR A 229 7.54 -17.29 9.70
N PRO A 230 7.31 -18.25 8.81
CA PRO A 230 5.91 -18.44 8.39
C PRO A 230 5.07 -19.08 9.49
N ALA A 231 3.82 -18.64 9.56
CA ALA A 231 2.84 -19.12 10.53
C ALA A 231 2.27 -20.47 10.09
N ASN A 232 3.14 -21.47 10.03
CA ASN A 232 2.76 -22.80 9.61
C ASN A 232 2.24 -23.64 10.79
N GLU A 233 2.12 -24.97 10.61
CA GLU A 233 1.45 -25.79 11.61
C GLU A 233 2.24 -25.95 12.90
N TYR A 234 3.56 -25.83 12.82
CA TYR A 234 4.36 -26.01 14.05
C TYR A 234 4.96 -24.73 14.56
N ALA A 235 4.50 -23.59 14.01
CA ALA A 235 5.06 -22.30 14.40
C ALA A 235 4.94 -22.07 15.90
N TYR A 236 5.99 -21.48 16.47
CA TYR A 236 5.93 -21.02 17.84
C TYR A 236 5.39 -19.57 17.77
N ARG A 237 4.35 -19.31 18.54
N ARG A 237 4.31 -19.30 18.51
CA ARG A 237 3.73 -17.99 18.55
CA ARG A 237 3.65 -17.99 18.46
C ARG A 237 4.14 -17.18 19.76
C ARG A 237 3.93 -17.16 19.72
N ARG A 238 4.27 -15.89 19.52
CA ARG A 238 4.39 -14.94 20.63
C ARG A 238 3.05 -14.92 21.37
N GLY A 239 3.13 -14.68 22.68
CA GLY A 239 1.92 -14.38 23.41
C GLY A 239 1.39 -13.02 23.00
N ILE A 240 0.09 -12.79 23.18
CA ILE A 240 -0.51 -11.49 22.78
C ILE A 240 0.27 -10.27 23.26
N ALA A 241 0.74 -10.30 24.50
CA ALA A 241 1.41 -9.12 25.07
C ALA A 241 2.73 -8.80 24.37
N GLU A 242 3.31 -9.77 23.66
CA GLU A 242 4.56 -9.58 22.91
C GLU A 242 4.32 -9.48 21.37
N ALA A 243 3.05 -9.52 20.96
CA ALA A 243 2.72 -9.47 19.52
C ALA A 243 3.20 -8.13 18.93
N VAL A 244 3.43 -8.15 17.62
CA VAL A 244 3.89 -6.96 16.93
C VAL A 244 2.72 -6.09 16.47
N GLY A 245 2.78 -4.82 16.83
CA GLY A 245 1.96 -3.83 16.09
C GLY A 245 0.57 -3.56 16.63
N LEU A 246 0.17 -4.23 17.71
CA LEU A 246 -1.22 -4.06 18.17
C LEU A 246 -1.40 -2.74 18.91
N PRO A 247 -2.55 -2.08 18.72
CA PRO A 247 -2.84 -0.83 19.45
C PRO A 247 -3.19 -1.12 20.90
N SER A 248 -2.88 -0.15 21.75
N SER A 248 -2.89 -0.20 21.80
CA SER A 248 -3.04 -0.27 23.20
CA SER A 248 -3.20 -0.44 23.22
C SER A 248 -4.35 0.36 23.70
C SER A 248 -4.45 0.26 23.69
N ILE A 249 -5.07 1.04 22.81
CA ILE A 249 -6.31 1.77 23.19
C ILE A 249 -7.43 1.43 22.21
N PRO A 250 -8.70 1.45 22.64
CA PRO A 250 -9.81 1.12 21.73
C PRO A 250 -10.02 2.15 20.60
N VAL A 251 -10.44 1.66 19.43
CA VAL A 251 -10.59 2.53 18.27
C VAL A 251 -11.84 2.08 17.52
N HIS A 252 -12.60 3.03 16.94
CA HIS A 252 -13.76 2.67 16.15
C HIS A 252 -14.06 3.75 15.09
N PRO A 253 -14.52 3.34 13.90
CA PRO A 253 -14.83 4.31 12.82
C PRO A 253 -16.32 4.56 12.74
N ILE A 254 -16.67 5.78 12.35
CA ILE A 254 -18.06 6.21 12.20
C ILE A 254 -18.20 7.06 10.92
N GLY A 255 -19.45 7.25 10.51
CA GLY A 255 -19.78 8.11 9.37
C GLY A 255 -20.05 9.54 9.80
N TYR A 256 -20.29 10.40 8.82
CA TYR A 256 -20.38 11.82 9.16
C TYR A 256 -21.70 12.26 9.76
N TYR A 257 -22.79 11.51 9.55
CA TYR A 257 -24.01 11.81 10.35
C TYR A 257 -23.72 11.63 11.85
N ASP A 258 -23.05 10.54 12.21
CA ASP A 258 -22.72 10.29 13.62
C ASP A 258 -21.63 11.25 14.14
N ALA A 259 -20.62 11.53 13.30
CA ALA A 259 -19.55 12.47 13.67
C ALA A 259 -20.13 13.84 14.03
N GLN A 260 -21.06 14.33 13.21
CA GLN A 260 -21.75 15.61 13.45
C GLN A 260 -22.30 15.68 14.88
N LYS A 261 -22.93 14.59 15.33
CA LYS A 261 -23.55 14.55 16.65
C LYS A 261 -22.50 14.57 17.77
N LEU A 262 -21.33 13.99 17.51
CA LEU A 262 -20.23 14.04 18.49
C LEU A 262 -19.46 15.36 18.48
N LEU A 263 -19.35 15.99 17.30
CA LEU A 263 -18.58 17.23 17.17
C LEU A 263 -19.37 18.49 17.52
N GLU A 264 -20.69 18.45 17.30
CA GLU A 264 -21.46 19.70 17.38
C GLU A 264 -21.45 20.38 18.75
N LYS A 265 -21.26 19.60 19.80
CA LYS A 265 -21.25 20.16 21.15
C LYS A 265 -19.85 20.58 21.60
N MET A 266 -18.84 20.33 20.78
CA MET A 266 -17.46 20.58 21.25
C MET A 266 -17.16 22.02 21.65
N GLY A 267 -16.46 22.16 22.78
CA GLY A 267 -16.11 23.47 23.31
C GLY A 267 -14.61 23.64 23.37
N GLY A 268 -14.15 24.34 24.41
CA GLY A 268 -12.73 24.62 24.55
C GLY A 268 -12.23 25.53 23.44
N SER A 269 -11.00 25.27 23.03
CA SER A 269 -10.30 26.09 22.06
C SER A 269 -10.85 26.00 20.64
N ALA A 270 -10.86 27.13 19.95
CA ALA A 270 -11.20 27.20 18.53
C ALA A 270 -10.16 26.45 17.68
N PRO A 271 -10.54 26.00 16.46
CA PRO A 271 -9.51 25.39 15.58
C PRO A 271 -8.45 26.44 15.28
N PRO A 272 -7.18 26.03 15.19
CA PRO A 272 -6.11 27.04 15.07
C PRO A 272 -6.13 27.78 13.74
N ASP A 273 -6.62 27.12 12.69
CA ASP A 273 -6.74 27.76 11.37
C ASP A 273 -7.70 26.96 10.48
N SER A 274 -7.91 27.43 9.26
N SER A 274 -7.90 27.41 9.24
CA SER A 274 -8.85 26.79 8.33
CA SER A 274 -8.85 26.77 8.32
C SER A 274 -8.52 25.34 7.92
C SER A 274 -8.51 25.34 7.88
N SER A 275 -7.23 24.95 7.97
CA SER A 275 -6.80 23.59 7.58
C SER A 275 -7.28 22.52 8.55
N TRP A 276 -7.81 22.96 9.68
CA TRP A 276 -8.40 22.10 10.70
C TRP A 276 -9.92 21.95 10.55
N ARG A 277 -10.52 22.80 9.72
N ARG A 277 -10.53 22.77 9.70
CA ARG A 277 -11.97 22.76 9.49
CA ARG A 277 -12.00 22.75 9.55
C ARG A 277 -12.32 21.83 8.34
C ARG A 277 -12.47 21.96 8.34
N GLY A 278 -13.23 20.90 8.59
CA GLY A 278 -13.87 20.12 7.52
C GLY A 278 -15.11 20.83 7.00
N SER A 279 -16.06 20.06 6.46
CA SER A 279 -17.23 20.62 5.76
C SER A 279 -18.56 20.53 6.53
N LEU A 280 -18.55 19.93 7.69
CA LEU A 280 -19.76 19.83 8.51
C LEU A 280 -20.11 21.21 9.11
N LYS A 281 -21.37 21.38 9.46
CA LYS A 281 -21.82 22.61 10.11
C LYS A 281 -21.59 22.54 11.61
N VAL A 282 -20.31 22.53 11.96
CA VAL A 282 -19.86 22.52 13.35
C VAL A 282 -18.66 23.46 13.44
N PRO A 283 -18.32 23.91 14.66
CA PRO A 283 -17.19 24.86 14.76
C PRO A 283 -15.81 24.21 14.61
N TYR A 284 -15.74 22.88 14.69
CA TYR A 284 -14.44 22.17 14.72
C TYR A 284 -13.55 22.66 15.87
N ASN A 285 -14.19 22.99 17.00
CA ASN A 285 -13.44 23.29 18.23
C ASN A 285 -12.62 22.08 18.62
N VAL A 286 -11.44 22.35 19.17
N VAL A 286 -11.42 22.30 19.15
CA VAL A 286 -10.49 21.27 19.50
CA VAL A 286 -10.57 21.14 19.45
C VAL A 286 -10.87 20.58 20.82
C VAL A 286 -10.81 20.60 20.87
N GLY A 287 -11.59 21.30 21.68
CA GLY A 287 -11.86 20.84 23.03
C GLY A 287 -10.78 21.31 24.00
N PRO A 288 -10.55 20.55 25.10
CA PRO A 288 -11.23 19.30 25.42
C PRO A 288 -12.69 19.47 25.89
N GLY A 289 -13.52 18.47 25.62
CA GLY A 289 -14.89 18.45 26.14
C GLY A 289 -15.90 19.35 25.44
N PHE A 290 -17.11 19.43 26.01
CA PHE A 290 -18.26 20.11 25.38
C PHE A 290 -18.48 21.50 25.98
N THR A 291 -19.24 22.33 25.25
CA THR A 291 -19.54 23.71 25.72
C THR A 291 -20.39 23.71 26.97
N GLY A 292 -20.36 24.84 27.68
CA GLY A 292 -20.96 25.01 29.00
C GLY A 292 -22.18 24.19 29.38
N ASN A 293 -23.24 24.26 28.58
CA ASN A 293 -24.47 23.53 28.90
C ASN A 293 -24.33 22.01 28.92
N PHE A 294 -23.33 21.51 28.20
CA PHE A 294 -23.15 20.07 28.08
C PHE A 294 -21.86 19.59 28.74
N SER A 295 -21.27 20.39 29.62
CA SER A 295 -19.92 20.12 30.13
C SER A 295 -19.82 18.84 30.95
N THR A 296 -20.95 18.40 31.50
CA THR A 296 -21.00 17.19 32.34
C THR A 296 -21.28 15.90 31.54
N GLN A 297 -21.58 16.07 30.25
CA GLN A 297 -21.72 14.94 29.34
C GLN A 297 -20.33 14.44 28.93
N LYS A 298 -20.24 13.14 28.62
CA LYS A 298 -18.98 12.49 28.23
C LYS A 298 -19.24 11.63 27.01
N VAL A 299 -18.16 11.16 26.40
CA VAL A 299 -18.27 10.18 25.34
C VAL A 299 -17.78 8.84 25.88
N LYS A 300 -18.51 7.76 25.56
CA LYS A 300 -18.17 6.41 26.00
C LYS A 300 -18.08 5.47 24.79
N MET A 301 -16.97 4.76 24.66
CA MET A 301 -16.81 3.75 23.62
C MET A 301 -17.18 2.39 24.21
N HIS A 302 -17.67 1.48 23.36
CA HIS A 302 -17.95 0.10 23.78
C HIS A 302 -17.39 -0.81 22.69
N ILE A 303 -16.21 -1.35 22.93
CA ILE A 303 -15.53 -2.17 21.92
C ILE A 303 -15.32 -3.58 22.48
N HIS A 304 -15.81 -4.58 21.76
CA HIS A 304 -15.81 -5.97 22.24
C HIS A 304 -15.27 -6.96 21.20
N SER A 305 -14.59 -6.41 20.19
CA SER A 305 -13.97 -7.25 19.15
C SER A 305 -12.94 -8.20 19.76
N THR A 306 -12.66 -9.31 19.09
N THR A 306 -12.70 -9.32 19.09
CA THR A 306 -11.66 -10.27 19.58
CA THR A 306 -11.71 -10.29 19.53
C THR A 306 -10.67 -10.67 18.52
C THR A 306 -10.58 -10.36 18.51
N ASN A 307 -9.41 -10.82 18.94
CA ASN A 307 -8.36 -11.21 18.01
C ASN A 307 -8.33 -12.73 18.10
N GLU A 308 -8.17 -13.39 16.97
CA GLU A 308 -8.35 -14.86 16.89
C GLU A 308 -7.41 -15.40 15.82
N VAL A 309 -6.62 -16.41 16.17
CA VAL A 309 -5.76 -17.08 15.16
C VAL A 309 -6.70 -17.87 14.21
N THR A 310 -6.55 -17.61 12.91
CA THR A 310 -7.51 -18.05 11.89
C THR A 310 -6.76 -18.48 10.63
N ARG A 311 -7.26 -19.52 9.94
CA ARG A 311 -6.56 -20.01 8.74
C ARG A 311 -6.87 -19.11 7.54
N ILE A 312 -5.83 -18.82 6.76
CA ILE A 312 -5.99 -18.01 5.52
C ILE A 312 -5.34 -18.80 4.39
N TYR A 313 -5.70 -18.46 3.14
CA TYR A 313 -5.30 -19.31 1.99
C TYR A 313 -4.86 -18.42 0.85
N ASN A 314 -3.61 -18.53 0.44
CA ASN A 314 -3.15 -17.90 -0.81
C ASN A 314 -3.31 -18.90 -1.96
N VAL A 315 -3.65 -18.43 -3.15
CA VAL A 315 -3.56 -19.33 -4.33
C VAL A 315 -2.29 -18.97 -5.07
N ILE A 316 -1.46 -19.99 -5.37
CA ILE A 316 -0.17 -19.77 -6.05
C ILE A 316 -0.18 -20.58 -7.33
N GLY A 317 -0.13 -19.86 -8.45
CA GLY A 317 -0.19 -20.47 -9.81
C GLY A 317 1.19 -20.39 -10.46
N THR A 318 1.66 -21.45 -11.11
CA THR A 318 3.01 -21.44 -11.73
C THR A 318 2.89 -21.67 -13.22
N LEU A 319 3.55 -20.83 -14.02
CA LEU A 319 3.71 -21.10 -15.45
C LEU A 319 5.21 -21.23 -15.66
N ARG A 320 5.67 -22.47 -15.78
CA ARG A 320 7.15 -22.74 -15.83
C ARG A 320 7.86 -22.13 -17.07
N GLY A 321 8.98 -21.44 -16.85
CA GLY A 321 9.80 -20.91 -17.94
C GLY A 321 10.44 -22.00 -18.80
N ALA A 322 10.50 -21.73 -20.09
CA ALA A 322 11.15 -22.62 -21.06
C ALA A 322 12.68 -22.62 -20.98
N VAL A 323 13.28 -21.50 -20.63
CA VAL A 323 14.76 -21.37 -20.72
C VAL A 323 15.35 -21.10 -19.34
N GLU A 324 14.71 -20.21 -18.58
CA GLU A 324 15.21 -19.91 -17.22
C GLU A 324 14.11 -20.14 -16.19
N PRO A 325 13.76 -21.42 -15.98
CA PRO A 325 12.69 -21.73 -15.03
C PRO A 325 13.03 -21.35 -13.60
N ASP A 326 14.32 -21.12 -13.32
CA ASP A 326 14.72 -20.70 -11.95
C ASP A 326 14.81 -19.18 -11.83
N ARG A 327 14.04 -18.43 -12.63
CA ARG A 327 13.94 -16.98 -12.48
C ARG A 327 12.45 -16.71 -12.44
N TYR A 328 12.02 -15.96 -11.43
CA TYR A 328 10.60 -15.77 -11.20
C TYR A 328 10.15 -14.36 -11.42
N VAL A 329 9.11 -14.20 -12.23
CA VAL A 329 8.44 -12.90 -12.36
C VAL A 329 7.05 -13.12 -11.73
N ILE A 330 6.71 -12.29 -10.76
CA ILE A 330 5.54 -12.56 -9.91
C ILE A 330 4.48 -11.50 -10.17
N LEU A 331 3.26 -11.94 -10.49
CA LEU A 331 2.11 -11.00 -10.54
C LEU A 331 1.19 -11.38 -9.36
N GLY A 332 1.02 -10.47 -8.40
CA GLY A 332 0.24 -10.85 -7.19
C GLY A 332 -0.69 -9.75 -6.78
N GLY A 333 -1.82 -10.15 -6.19
CA GLY A 333 -2.72 -9.15 -5.64
C GLY A 333 -3.64 -9.89 -4.72
N HIS A 334 -4.35 -9.16 -3.84
CA HIS A 334 -5.15 -9.87 -2.82
C HIS A 334 -6.59 -10.14 -3.32
N ARG A 335 -7.26 -10.98 -2.55
CA ARG A 335 -8.57 -11.54 -2.87
C ARG A 335 -9.53 -11.24 -1.72
N ASP A 336 -9.01 -11.13 -0.49
CA ASP A 336 -9.91 -10.82 0.66
C ASP A 336 -10.39 -9.38 0.57
N SER A 337 -11.60 -9.13 1.06
CA SER A 337 -12.18 -7.80 0.98
C SER A 337 -12.82 -7.49 2.33
N TRP A 338 -13.08 -6.20 2.61
CA TRP A 338 -13.83 -5.87 3.84
C TRP A 338 -15.30 -6.26 3.71
N VAL A 339 -15.91 -5.93 2.58
CA VAL A 339 -17.28 -6.39 2.28
C VAL A 339 -17.28 -6.95 0.85
N PHE A 340 -17.86 -6.25 -0.13
CA PHE A 340 -18.01 -6.83 -1.47
C PHE A 340 -16.77 -6.65 -2.30
N GLY A 341 -15.94 -5.66 -1.93
CA GLY A 341 -14.66 -5.49 -2.66
C GLY A 341 -14.82 -5.11 -4.13
N GLY A 342 -15.88 -4.34 -4.45
CA GLY A 342 -16.18 -3.95 -5.85
C GLY A 342 -14.99 -3.30 -6.51
N ILE A 343 -14.28 -2.43 -5.78
CA ILE A 343 -13.01 -1.90 -6.29
C ILE A 343 -11.84 -2.65 -5.63
N ASP A 344 -11.82 -2.66 -4.32
CA ASP A 344 -10.66 -3.11 -3.55
C ASP A 344 -11.02 -4.49 -2.91
N PRO A 345 -10.49 -5.61 -3.44
CA PRO A 345 -9.47 -5.77 -4.48
C PRO A 345 -10.03 -6.31 -5.78
N GLN A 346 -11.35 -6.53 -5.88
CA GLN A 346 -11.80 -7.41 -6.97
C GLN A 346 -11.62 -6.78 -8.37
N SER A 347 -11.59 -5.44 -8.48
CA SER A 347 -11.24 -4.81 -9.74
C SER A 347 -9.84 -5.20 -10.21
N GLY A 348 -8.94 -5.45 -9.26
CA GLY A 348 -7.59 -5.93 -9.58
C GLY A 348 -7.60 -7.43 -9.80
N ALA A 349 -8.29 -8.18 -8.94
CA ALA A 349 -8.33 -9.66 -9.08
C ALA A 349 -8.94 -10.14 -10.39
N ALA A 350 -9.93 -9.41 -10.87
CA ALA A 350 -10.58 -9.73 -12.15
C ALA A 350 -9.58 -9.54 -13.29
N VAL A 351 -8.74 -8.51 -13.17
CA VAL A 351 -7.71 -8.23 -14.17
C VAL A 351 -6.64 -9.33 -14.12
N VAL A 352 -6.21 -9.74 -12.91
CA VAL A 352 -5.27 -10.86 -12.78
C VAL A 352 -5.86 -12.12 -13.46
N HIS A 353 -7.14 -12.36 -13.21
CA HIS A 353 -7.81 -13.55 -13.73
C HIS A 353 -7.77 -13.57 -15.27
N GLU A 354 -8.03 -12.44 -15.90
CA GLU A 354 -8.02 -12.34 -17.36
C GLU A 354 -6.58 -12.44 -17.88
N ILE A 355 -5.61 -11.91 -17.14
CA ILE A 355 -4.17 -12.06 -17.54
C ILE A 355 -3.76 -13.53 -17.53
N VAL A 356 -4.13 -14.24 -16.46
CA VAL A 356 -3.85 -15.70 -16.39
C VAL A 356 -4.54 -16.43 -17.55
N ARG A 357 -5.81 -16.11 -17.81
CA ARG A 357 -6.52 -16.69 -18.97
C ARG A 357 -5.77 -16.49 -20.30
N SER A 358 -5.29 -15.26 -20.54
CA SER A 358 -4.58 -14.94 -21.78
C SER A 358 -3.24 -15.66 -21.89
N PHE A 359 -2.42 -15.61 -20.82
CA PHE A 359 -1.18 -16.39 -20.83
C PHE A 359 -1.46 -17.87 -21.09
N GLY A 360 -2.52 -18.39 -20.47
CA GLY A 360 -2.86 -19.80 -20.65
C GLY A 360 -3.30 -20.15 -22.06
N THR A 361 -3.97 -19.22 -22.74
CA THR A 361 -4.35 -19.40 -24.14
C THR A 361 -3.07 -19.60 -24.98
N LEU A 362 -2.05 -18.78 -24.75
CA LEU A 362 -0.78 -18.94 -25.49
C LEU A 362 -0.12 -20.26 -25.13
N LYS A 363 -0.12 -20.61 -23.85
CA LYS A 363 0.47 -21.87 -23.39
C LYS A 363 -0.19 -23.08 -24.06
N LYS A 364 -1.52 -23.06 -24.19
CA LYS A 364 -2.24 -24.17 -24.85
C LYS A 364 -1.85 -24.36 -26.30
N GLU A 365 -1.37 -23.28 -26.92
CA GLU A 365 -0.86 -23.30 -28.30
C GLU A 365 0.62 -23.66 -28.43
N GLY A 366 1.25 -24.01 -27.32
CA GLY A 366 2.64 -24.45 -27.31
C GLY A 366 3.68 -23.45 -26.86
N TRP A 367 3.23 -22.25 -26.47
CA TRP A 367 4.16 -21.21 -26.03
C TRP A 367 4.48 -21.39 -24.57
N ARG A 368 5.66 -20.96 -24.19
CA ARG A 368 6.00 -20.76 -22.77
C ARG A 368 6.85 -19.51 -22.69
N PRO A 369 6.74 -18.79 -21.56
CA PRO A 369 7.60 -17.63 -21.37
C PRO A 369 9.04 -18.09 -21.14
N ARG A 370 10.00 -17.21 -21.38
CA ARG A 370 11.41 -17.55 -21.16
C ARG A 370 11.65 -17.90 -19.65
N ARG A 371 11.18 -17.03 -18.79
CA ARG A 371 11.30 -17.22 -17.31
C ARG A 371 9.97 -17.67 -16.71
N THR A 372 10.03 -18.25 -15.53
CA THR A 372 8.82 -18.67 -14.79
C THR A 372 7.99 -17.46 -14.36
N ILE A 373 6.68 -17.55 -14.58
CA ILE A 373 5.74 -16.59 -14.03
C ILE A 373 4.96 -17.23 -12.91
N LEU A 374 4.94 -16.54 -11.76
CA LEU A 374 4.12 -16.96 -10.61
C LEU A 374 2.96 -15.98 -10.51
N PHE A 375 1.77 -16.53 -10.28
CA PHE A 375 0.55 -15.70 -10.10
C PHE A 375 0.04 -15.98 -8.70
N ALA A 376 -0.34 -14.92 -7.98
CA ALA A 376 -0.76 -15.08 -6.59
C ALA A 376 -2.05 -14.35 -6.34
N SER A 377 -2.93 -15.04 -5.61
CA SER A 377 -4.16 -14.47 -5.05
C SER A 377 -3.96 -14.47 -3.54
N TRP A 378 -3.56 -13.33 -3.01
CA TRP A 378 -3.19 -13.27 -1.60
C TRP A 378 -4.40 -13.16 -0.68
N ASP A 379 -4.26 -13.75 0.50
CA ASP A 379 -5.35 -13.64 1.50
C ASP A 379 -4.90 -12.66 2.61
N ALA A 380 -5.88 -12.19 3.39
CA ALA A 380 -5.67 -11.35 4.58
C ALA A 380 -4.79 -10.13 4.34
N GLU A 381 -4.84 -9.56 3.14
CA GLU A 381 -4.10 -8.31 2.92
C GLU A 381 -4.70 -7.25 3.81
N GLU A 382 -6.02 -7.25 3.97
CA GLU A 382 -6.69 -6.15 4.68
C GLU A 382 -6.37 -6.14 6.16
N PHE A 383 -5.82 -7.26 6.66
CA PHE A 383 -5.46 -7.35 8.08
C PHE A 383 -3.97 -7.16 8.30
N GLY A 384 -3.28 -6.64 7.29
CA GLY A 384 -1.85 -6.28 7.48
C GLY A 384 -0.90 -6.96 6.52
N LEU A 385 -1.35 -7.21 5.30
CA LEU A 385 -0.45 -7.81 4.26
C LEU A 385 -0.04 -9.23 4.71
N LEU A 386 -0.96 -9.92 5.40
CA LEU A 386 -0.53 -11.14 6.11
C LEU A 386 -0.20 -12.31 5.17
N GLY A 387 -1.03 -12.53 4.16
CA GLY A 387 -0.88 -13.67 3.26
C GLY A 387 0.41 -13.57 2.43
N SER A 388 0.62 -12.40 1.83
CA SER A 388 1.82 -12.23 1.01
C SER A 388 3.06 -12.33 1.90
N THR A 389 2.98 -11.74 3.08
CA THR A 389 4.17 -11.68 3.93
C THR A 389 4.52 -13.05 4.50
N GLU A 390 3.52 -13.82 4.95
CA GLU A 390 3.83 -15.21 5.46
C GLU A 390 4.41 -16.07 4.33
N TRP A 391 3.86 -15.96 3.12
CA TRP A 391 4.36 -16.79 2.00
C TRP A 391 5.80 -16.38 1.63
N ALA A 392 6.05 -15.07 1.63
CA ALA A 392 7.41 -14.60 1.34
C ALA A 392 8.36 -15.02 2.48
N GLU A 393 7.90 -15.02 3.74
CA GLU A 393 8.76 -15.55 4.82
C GLU A 393 9.09 -17.05 4.63
N GLU A 394 8.09 -17.81 4.19
N GLU A 394 8.09 -17.84 4.23
CA GLU A 394 8.30 -19.24 4.01
CA GLU A 394 8.32 -19.27 3.95
C GLU A 394 9.29 -19.46 2.84
C GLU A 394 9.38 -19.39 2.88
N ASN A 395 9.19 -18.62 1.81
CA ASN A 395 9.95 -18.86 0.53
C ASN A 395 11.09 -17.88 0.32
N SER A 396 11.53 -17.23 1.42
CA SER A 396 12.47 -16.08 1.27
C SER A 396 13.77 -16.48 0.53
N ARG A 397 14.30 -17.70 0.74
CA ARG A 397 15.56 -18.04 0.07
C ARG A 397 15.37 -18.22 -1.43
N LEU A 398 14.23 -18.79 -1.81
CA LEU A 398 13.96 -18.93 -3.23
C LEU A 398 13.78 -17.53 -3.86
N LEU A 399 13.08 -16.67 -3.16
CA LEU A 399 12.79 -15.35 -3.70
C LEU A 399 14.03 -14.48 -3.76
N GLN A 400 14.85 -14.55 -2.69
N GLN A 400 14.88 -14.51 -2.75
CA GLN A 400 16.17 -13.88 -2.62
CA GLN A 400 16.01 -13.60 -2.90
C GLN A 400 17.01 -14.13 -3.88
C GLN A 400 17.10 -14.10 -3.88
N GLU A 401 17.13 -15.40 -4.21
CA GLU A 401 18.12 -15.81 -5.20
C GLU A 401 17.54 -15.93 -6.60
N ARG A 402 16.21 -15.88 -6.72
CA ARG A 402 15.57 -16.15 -8.02
C ARG A 402 14.56 -15.11 -8.46
N GLY A 403 14.25 -14.17 -7.57
CA GLY A 403 13.13 -13.23 -7.82
C GLY A 403 13.61 -12.12 -8.76
N VAL A 404 13.04 -12.08 -9.95
CA VAL A 404 13.34 -11.01 -10.91
C VAL A 404 12.55 -9.74 -10.58
N ALA A 405 11.23 -9.89 -10.42
CA ALA A 405 10.36 -8.72 -10.24
C ALA A 405 9.03 -9.16 -9.66
N TYR A 406 8.39 -8.19 -9.02
CA TYR A 406 7.04 -8.36 -8.47
C TYR A 406 6.21 -7.20 -9.01
N ILE A 407 5.08 -7.57 -9.65
CA ILE A 407 4.10 -6.57 -10.08
C ILE A 407 2.84 -6.78 -9.23
N ASN A 408 2.44 -5.73 -8.51
CA ASN A 408 1.24 -5.85 -7.68
C ASN A 408 -0.01 -5.73 -8.55
N ALA A 409 -1.14 -6.16 -7.99
CA ALA A 409 -2.40 -6.11 -8.75
C ALA A 409 -3.60 -6.02 -7.81
N ASP A 410 -3.61 -4.95 -7.02
CA ASP A 410 -4.78 -4.62 -6.24
C ASP A 410 -5.66 -3.74 -7.17
N SER A 411 -6.53 -2.93 -6.57
N SER A 411 -6.54 -2.92 -6.58
CA SER A 411 -7.52 -2.15 -7.32
CA SER A 411 -7.60 -2.20 -7.33
C SER A 411 -7.03 -1.64 -8.71
C SER A 411 -7.16 -1.55 -8.65
N SER A 412 -7.78 -1.96 -9.76
CA SER A 412 -7.42 -1.48 -11.11
C SER A 412 -7.80 -0.03 -11.36
N ILE A 413 -8.73 0.47 -10.56
N ILE A 413 -8.79 0.48 -10.61
CA ILE A 413 -9.24 1.83 -10.71
CA ILE A 413 -9.27 1.86 -10.78
C ILE A 413 -9.40 2.48 -9.32
C ILE A 413 -9.62 2.54 -9.45
N GLU A 414 -9.15 3.78 -9.26
CA GLU A 414 -9.56 4.59 -8.12
C GLU A 414 -10.11 5.92 -8.65
N GLY A 415 -10.30 5.95 -9.95
CA GLY A 415 -10.80 7.12 -10.69
C GLY A 415 -10.79 6.75 -12.17
N ASN A 416 -11.12 7.71 -13.02
CA ASN A 416 -11.18 7.41 -14.45
C ASN A 416 -10.46 8.48 -15.30
N TYR A 417 -9.47 9.13 -14.69
CA TYR A 417 -8.85 10.29 -15.31
C TYR A 417 -7.59 9.91 -16.10
N THR A 418 -6.64 9.27 -15.42
CA THR A 418 -5.41 8.90 -16.12
C THR A 418 -4.70 7.76 -15.41
N LEU A 419 -3.55 7.37 -15.96
CA LEU A 419 -2.76 6.30 -15.34
C LEU A 419 -1.98 6.76 -14.10
N ARG A 420 -1.82 5.84 -13.16
CA ARG A 420 -0.95 6.04 -12.01
C ARG A 420 0.04 4.89 -12.03
N VAL A 421 1.32 5.20 -11.94
CA VAL A 421 2.35 4.14 -11.80
C VAL A 421 3.28 4.49 -10.66
N ASP A 422 3.51 3.54 -9.74
CA ASP A 422 4.53 3.72 -8.69
C ASP A 422 5.46 2.49 -8.86
N CYS A 423 6.77 2.71 -8.92
CA CYS A 423 7.67 1.58 -9.18
C CYS A 423 9.09 1.94 -8.90
N THR A 424 9.93 0.92 -8.79
CA THR A 424 11.35 1.15 -8.76
C THR A 424 11.88 1.90 -9.99
N PRO A 425 12.89 2.75 -9.82
CA PRO A 425 13.51 3.35 -11.01
C PRO A 425 13.92 2.31 -12.06
N LEU A 426 14.26 1.08 -11.64
CA LEU A 426 14.67 0.08 -12.63
C LEU A 426 13.60 -0.21 -13.69
N MET A 427 12.33 0.07 -13.40
CA MET A 427 11.27 -0.17 -14.36
C MET A 427 10.80 1.06 -15.13
N TYR A 428 11.40 2.24 -14.90
CA TYR A 428 10.88 3.44 -15.59
C TYR A 428 10.90 3.29 -17.11
N SER A 429 12.03 2.82 -17.65
CA SER A 429 12.16 2.69 -19.11
C SER A 429 11.20 1.70 -19.69
N LEU A 430 11.05 0.56 -19.01
CA LEU A 430 10.07 -0.46 -19.40
C LEU A 430 8.67 0.17 -19.51
N VAL A 431 8.31 0.93 -18.49
CA VAL A 431 6.95 1.52 -18.43
C VAL A 431 6.77 2.56 -19.52
N HIS A 432 7.74 3.46 -19.69
CA HIS A 432 7.66 4.43 -20.80
C HIS A 432 7.50 3.69 -22.14
N ASN A 433 8.33 2.67 -22.37
CA ASN A 433 8.26 2.01 -23.69
C ASN A 433 6.95 1.27 -23.91
N LEU A 434 6.47 0.60 -22.88
CA LEU A 434 5.24 -0.18 -23.01
C LEU A 434 4.06 0.73 -23.26
N THR A 435 3.96 1.79 -22.48
CA THR A 435 2.81 2.70 -22.64
C THR A 435 2.81 3.42 -23.98
N LYS A 436 3.97 3.55 -24.62
CA LYS A 436 4.00 4.13 -25.97
C LYS A 436 3.40 3.19 -27.00
N GLU A 437 3.29 1.89 -26.67
CA GLU A 437 2.72 0.90 -27.59
C GLU A 437 1.28 0.52 -27.31
N LEU A 438 0.72 1.09 -26.25
CA LEU A 438 -0.67 0.82 -25.91
C LEU A 438 -1.57 1.98 -26.31
N LYS A 439 -2.82 1.67 -26.64
CA LYS A 439 -3.80 2.69 -27.05
C LYS A 439 -4.35 3.44 -25.82
N SER A 440 -4.49 4.75 -25.90
CA SER A 440 -5.17 5.47 -24.81
C SER A 440 -6.68 5.20 -24.79
N PRO A 441 -7.23 4.94 -23.60
CA PRO A 441 -8.70 4.72 -23.53
C PRO A 441 -9.44 6.04 -23.31
N ASP A 442 -8.71 7.16 -23.21
CA ASP A 442 -9.30 8.42 -22.72
C ASP A 442 -10.05 9.13 -23.84
N GLU A 443 -11.18 9.74 -23.47
N GLU A 443 -11.16 9.76 -23.46
CA GLU A 443 -11.92 10.58 -24.41
CA GLU A 443 -11.89 10.64 -24.38
C GLU A 443 -11.09 11.80 -24.85
C GLU A 443 -10.98 11.76 -24.86
N GLY A 444 -11.06 12.07 -26.14
CA GLY A 444 -10.21 13.13 -26.70
C GLY A 444 -8.83 12.67 -27.13
N PHE A 445 -8.46 11.44 -26.75
CA PHE A 445 -7.17 10.86 -27.15
C PHE A 445 -7.30 9.62 -28.04
N GLU A 446 -8.42 9.49 -28.75
CA GLU A 446 -8.63 8.29 -29.54
C GLU A 446 -7.56 8.29 -30.66
N GLY A 447 -6.95 7.14 -30.88
CA GLY A 447 -5.84 7.03 -31.84
C GLY A 447 -4.48 7.44 -31.32
N LYS A 448 -4.42 7.94 -30.08
CA LYS A 448 -3.16 8.28 -29.45
C LYS A 448 -2.72 7.19 -28.50
N SER A 449 -1.44 7.24 -28.14
CA SER A 449 -0.89 6.26 -27.18
C SER A 449 -1.29 6.60 -25.75
N LEU A 450 -1.30 5.58 -24.91
CA LEU A 450 -1.47 5.78 -23.47
C LEU A 450 -0.33 6.68 -22.92
N TYR A 451 0.91 6.50 -23.41
CA TYR A 451 1.99 7.39 -23.01
C TYR A 451 1.60 8.88 -23.25
N GLU A 452 1.06 9.17 -24.42
CA GLU A 452 0.68 10.55 -24.77
C GLU A 452 -0.38 11.11 -23.81
N SER A 453 -1.44 10.34 -23.57
CA SER A 453 -2.52 10.84 -22.73
C SER A 453 -2.07 10.98 -21.28
N TRP A 454 -1.32 9.99 -20.80
CA TRP A 454 -0.82 9.98 -19.45
C TRP A 454 0.16 11.15 -19.23
N THR A 455 1.06 11.36 -20.18
CA THR A 455 2.04 12.43 -20.02
C THR A 455 1.32 13.82 -20.05
N LYS A 456 0.31 13.95 -20.90
CA LYS A 456 -0.43 15.19 -20.96
C LYS A 456 -1.19 15.45 -19.63
N LYS A 457 -1.83 14.42 -19.08
CA LYS A 457 -2.66 14.56 -17.87
C LYS A 457 -1.90 14.56 -16.56
N SER A 458 -0.73 13.92 -16.57
CA SER A 458 0.04 13.75 -15.36
C SER A 458 1.52 13.99 -15.66
N PRO A 459 1.89 15.25 -16.01
CA PRO A 459 3.27 15.55 -16.35
C PRO A 459 4.24 15.33 -15.21
N SER A 460 5.43 14.86 -15.54
CA SER A 460 6.52 14.78 -14.59
C SER A 460 6.82 16.18 -14.04
N PRO A 461 7.06 16.27 -12.72
CA PRO A 461 7.44 17.56 -12.11
C PRO A 461 8.84 18.00 -12.51
N GLU A 462 9.69 17.08 -12.96
CA GLU A 462 11.06 17.47 -13.36
C GLU A 462 11.41 17.41 -14.85
N PHE A 463 10.66 16.67 -15.66
CA PHE A 463 11.04 16.48 -17.06
C PHE A 463 9.90 16.74 -18.03
N SER A 464 10.16 17.69 -18.93
CA SER A 464 9.22 18.03 -19.98
C SER A 464 9.03 16.81 -20.89
N GLY A 465 7.77 16.47 -21.18
CA GLY A 465 7.48 15.44 -22.18
C GLY A 465 7.52 14.02 -21.60
N MET A 466 7.61 13.95 -20.28
N MET A 466 7.69 13.95 -20.27
CA MET A 466 7.60 12.67 -19.57
CA MET A 466 7.68 12.69 -19.51
C MET A 466 6.54 12.64 -18.47
C MET A 466 6.45 12.66 -18.59
N PRO A 467 5.93 11.47 -18.24
CA PRO A 467 4.86 11.38 -17.25
C PRO A 467 5.38 11.23 -15.81
N ARG A 468 4.53 11.53 -14.82
CA ARG A 468 4.89 11.33 -13.42
C ARG A 468 4.89 9.84 -13.09
N ILE A 469 5.98 9.35 -12.50
CA ILE A 469 5.97 8.02 -11.87
C ILE A 469 6.45 8.21 -10.43
N SER A 470 5.70 7.67 -9.47
CA SER A 470 5.98 7.88 -8.06
C SER A 470 6.83 6.77 -7.49
N LYS A 471 7.37 7.06 -6.30
N LYS A 471 7.53 7.04 -6.39
CA LYS A 471 8.05 6.08 -5.44
CA LYS A 471 8.21 5.93 -5.71
C LYS A 471 7.05 5.10 -4.85
C LYS A 471 7.10 5.07 -5.08
N LEU A 472 7.47 3.85 -4.68
CA LEU A 472 6.60 2.94 -3.93
C LEU A 472 6.55 3.43 -2.50
N GLY A 473 5.31 3.52 -1.96
CA GLY A 473 5.14 3.64 -0.51
C GLY A 473 4.88 2.26 0.04
N SER A 474 3.80 2.12 0.84
CA SER A 474 3.43 0.77 1.31
C SER A 474 1.93 0.76 1.54
N GLY A 475 1.48 -0.14 2.41
CA GLY A 475 0.04 -0.33 2.54
C GLY A 475 -0.48 -1.26 1.43
N ASN A 476 0.39 -2.10 0.87
CA ASN A 476 -0.06 -3.12 -0.08
C ASN A 476 0.95 -4.26 -0.20
N ASP A 477 0.59 -5.30 -0.96
CA ASP A 477 1.30 -6.59 -0.86
C ASP A 477 2.69 -6.65 -1.45
N PHE A 478 3.12 -5.60 -2.12
CA PHE A 478 4.53 -5.57 -2.60
C PHE A 478 5.53 -5.27 -1.45
N GLU A 479 5.03 -4.91 -0.26
CA GLU A 479 5.95 -4.47 0.80
C GLU A 479 7.03 -5.51 1.12
N VAL A 480 6.63 -6.77 1.31
CA VAL A 480 7.65 -7.77 1.69
C VAL A 480 8.64 -7.95 0.55
N PHE A 481 8.13 -7.96 -0.69
CA PHE A 481 9.03 -8.20 -1.82
C PHE A 481 10.02 -7.08 -2.03
N PHE A 482 9.56 -5.83 -1.88
CA PHE A 482 10.40 -4.65 -2.19
C PHE A 482 11.24 -4.21 -0.97
N GLN A 483 10.57 -3.77 0.08
CA GLN A 483 11.34 -3.21 1.23
C GLN A 483 12.02 -4.26 2.13
N ARG A 484 11.50 -5.51 2.21
CA ARG A 484 12.20 -6.52 2.99
C ARG A 484 13.21 -7.26 2.11
N LEU A 485 12.76 -7.81 0.97
CA LEU A 485 13.64 -8.70 0.20
C LEU A 485 14.41 -8.02 -0.94
N GLY A 486 14.07 -6.79 -1.33
CA GLY A 486 14.84 -6.11 -2.40
C GLY A 486 14.63 -6.68 -3.79
N ILE A 487 13.38 -7.05 -4.11
CA ILE A 487 13.05 -7.49 -5.47
C ILE A 487 12.38 -6.31 -6.16
N ALA A 488 12.89 -5.98 -7.34
CA ALA A 488 12.33 -4.86 -8.16
C ALA A 488 10.81 -5.00 -8.23
N SER A 489 10.08 -3.93 -7.85
CA SER A 489 8.63 -4.03 -7.76
C SER A 489 7.96 -2.83 -8.44
N GLY A 490 6.71 -3.05 -8.88
CA GLY A 490 5.92 -1.97 -9.47
C GLY A 490 4.41 -2.18 -9.37
N ARG A 491 3.66 -1.09 -9.62
CA ARG A 491 2.20 -1.17 -9.63
C ARG A 491 1.67 -0.14 -10.59
N ALA A 492 0.45 -0.38 -11.09
CA ALA A 492 -0.21 0.58 -11.99
C ALA A 492 -1.71 0.46 -11.89
N ARG A 493 -2.41 1.60 -11.96
CA ARG A 493 -3.88 1.56 -12.01
C ARG A 493 -4.38 2.85 -12.62
N TYR A 494 -5.68 2.92 -12.89
CA TYR A 494 -6.29 4.18 -13.26
C TYR A 494 -6.66 4.98 -12.00
N THR A 495 -6.52 6.31 -12.10
CA THR A 495 -6.66 7.18 -10.94
C THR A 495 -7.42 8.47 -11.31
N LYS A 496 -7.73 9.28 -10.30
CA LYS A 496 -8.36 10.59 -10.43
C LYS A 496 -7.34 11.69 -10.77
N ASN A 497 -7.83 12.90 -11.02
CA ASN A 497 -6.94 14.04 -11.25
C ASN A 497 -5.89 14.34 -10.13
N TYR A 506 -10.63 7.12 -2.74
CA TYR A 506 -11.96 7.34 -3.38
C TYR A 506 -13.03 7.28 -2.28
N PRO A 507 -14.19 7.95 -2.47
CA PRO A 507 -15.11 8.14 -1.33
C PRO A 507 -15.65 6.86 -0.67
N LEU A 508 -15.92 5.82 -1.47
CA LEU A 508 -16.65 4.64 -0.93
C LEU A 508 -15.72 3.55 -0.42
N TYR A 509 -14.43 3.87 -0.37
CA TYR A 509 -13.39 2.94 0.09
C TYR A 509 -13.75 2.23 1.41
N HIS A 510 -13.74 0.89 1.36
CA HIS A 510 -13.99 0.00 2.53
C HIS A 510 -15.38 0.13 3.18
N SER A 511 -16.35 0.62 2.41
CA SER A 511 -17.70 0.78 2.90
C SER A 511 -18.58 -0.37 2.18
N VAL A 512 -19.71 -0.72 2.77
CA VAL A 512 -20.65 -1.66 2.12
C VAL A 512 -21.07 -1.18 0.71
N TYR A 513 -20.90 0.12 0.41
CA TYR A 513 -21.40 0.69 -0.87
C TYR A 513 -20.42 0.42 -2.01
N GLU A 514 -19.24 -0.14 -1.70
CA GLU A 514 -18.24 -0.39 -2.74
C GLU A 514 -18.58 -1.74 -3.43
N THR A 515 -19.43 -1.64 -4.46
CA THR A 515 -20.05 -2.81 -5.07
C THR A 515 -19.70 -2.88 -6.54
N TYR A 516 -20.10 -3.99 -7.18
CA TYR A 516 -20.06 -4.12 -8.62
C TYR A 516 -20.79 -2.95 -9.32
N GLU A 517 -21.95 -2.55 -8.79
CA GLU A 517 -22.73 -1.46 -9.39
C GLU A 517 -22.01 -0.13 -9.34
N LEU A 518 -21.28 0.12 -8.26
CA LEU A 518 -20.47 1.32 -8.20
C LEU A 518 -19.53 1.42 -9.40
N VAL A 519 -18.83 0.31 -9.67
CA VAL A 519 -17.88 0.26 -10.78
C VAL A 519 -18.58 0.35 -12.14
N GLU A 520 -19.56 -0.53 -12.35
CA GLU A 520 -20.26 -0.63 -13.64
C GLU A 520 -21.03 0.65 -14.01
N LYS A 521 -21.60 1.33 -13.01
CA LYS A 521 -22.41 2.53 -13.28
C LYS A 521 -21.59 3.82 -13.33
N PHE A 522 -20.62 3.95 -12.43
CA PHE A 522 -19.99 5.25 -12.21
C PHE A 522 -18.52 5.31 -12.57
N TYR A 523 -17.79 4.20 -12.46
CA TYR A 523 -16.36 4.28 -12.76
C TYR A 523 -15.96 3.90 -14.18
N ASP A 524 -16.46 2.76 -14.67
CA ASP A 524 -15.90 2.20 -15.91
C ASP A 524 -16.94 1.34 -16.62
N PRO A 525 -18.02 1.98 -17.11
CA PRO A 525 -19.11 1.21 -17.72
C PRO A 525 -18.69 0.27 -18.84
N MET A 526 -17.70 0.66 -19.64
N MET A 526 -17.71 0.70 -19.63
CA MET A 526 -17.28 -0.18 -20.76
CA MET A 526 -17.19 -0.04 -20.80
C MET A 526 -16.15 -1.12 -20.40
C MET A 526 -16.03 -0.95 -20.45
N PHE A 527 -15.61 -0.94 -19.19
CA PHE A 527 -14.45 -1.74 -18.73
C PHE A 527 -13.20 -1.49 -19.56
N LYS A 528 -13.16 -0.30 -20.17
CA LYS A 528 -11.98 0.06 -20.97
C LYS A 528 -10.79 0.49 -20.12
N TYR A 529 -11.05 1.08 -18.96
CA TYR A 529 -9.93 1.44 -18.09
C TYR A 529 -9.36 0.18 -17.45
N HIS A 530 -10.24 -0.74 -17.05
CA HIS A 530 -9.79 -2.05 -16.58
C HIS A 530 -8.92 -2.76 -17.67
N LEU A 531 -9.39 -2.76 -18.91
CA LEU A 531 -8.62 -3.42 -19.98
C LEU A 531 -7.26 -2.75 -20.14
N THR A 532 -7.21 -1.42 -20.09
CA THR A 532 -5.92 -0.67 -20.20
C THR A 532 -4.97 -1.06 -19.07
N VAL A 533 -5.50 -1.13 -17.85
CA VAL A 533 -4.69 -1.59 -16.71
C VAL A 533 -4.22 -3.05 -16.90
N ALA A 534 -5.07 -3.93 -17.44
CA ALA A 534 -4.65 -5.31 -17.71
C ALA A 534 -3.52 -5.33 -18.72
N GLN A 535 -3.63 -4.47 -19.74
CA GLN A 535 -2.53 -4.35 -20.72
C GLN A 535 -1.20 -3.87 -20.10
N VAL A 536 -1.28 -2.89 -19.19
CA VAL A 536 -0.07 -2.39 -18.54
C VAL A 536 0.52 -3.46 -17.62
N ARG A 537 -0.28 -4.01 -16.73
CA ARG A 537 0.28 -4.99 -15.76
C ARG A 537 0.74 -6.24 -16.49
N GLY A 538 -0.10 -6.73 -17.39
CA GLY A 538 0.20 -7.94 -18.16
C GLY A 538 1.39 -7.73 -19.11
N GLY A 539 1.46 -6.56 -19.74
CA GLY A 539 2.58 -6.26 -20.64
C GLY A 539 3.90 -6.18 -19.87
N MET A 540 3.86 -5.58 -18.68
CA MET A 540 5.08 -5.51 -17.83
C MET A 540 5.53 -6.92 -17.50
N VAL A 541 4.59 -7.77 -17.05
CA VAL A 541 4.91 -9.17 -16.74
C VAL A 541 5.48 -9.88 -17.96
N PHE A 542 4.83 -9.71 -19.12
CA PHE A 542 5.28 -10.33 -20.35
C PHE A 542 6.73 -9.96 -20.66
N GLU A 543 7.07 -8.67 -20.57
CA GLU A 543 8.41 -8.22 -20.97
C GLU A 543 9.44 -8.72 -19.94
N LEU A 544 9.06 -8.64 -18.68
CA LEU A 544 9.98 -9.11 -17.61
C LEU A 544 10.24 -10.59 -17.75
N ALA A 545 9.21 -11.35 -18.15
CA ALA A 545 9.38 -12.81 -18.23
C ALA A 545 9.94 -13.28 -19.55
N ASN A 546 9.93 -12.42 -20.59
CA ASN A 546 10.32 -12.90 -21.92
C ASN A 546 11.47 -12.23 -22.60
N SER A 547 11.82 -11.01 -22.16
CA SER A 547 12.90 -10.28 -22.83
C SER A 547 14.20 -11.03 -22.61
N ILE A 548 15.04 -11.12 -23.63
CA ILE A 548 16.29 -11.83 -23.42
C ILE A 548 17.17 -11.19 -22.38
N VAL A 549 17.33 -9.87 -22.52
CA VAL A 549 18.01 -9.09 -21.46
C VAL A 549 16.91 -8.53 -20.59
N LEU A 550 17.07 -8.64 -19.28
CA LEU A 550 16.04 -8.07 -18.37
C LEU A 550 15.82 -6.58 -18.64
N PRO A 551 14.55 -6.13 -18.65
CA PRO A 551 14.22 -4.77 -19.10
C PRO A 551 14.34 -3.74 -17.97
N PHE A 552 15.53 -3.71 -17.36
CA PHE A 552 15.84 -2.76 -16.28
C PHE A 552 16.92 -1.80 -16.77
N ASP A 553 16.81 -0.49 -16.47
CA ASP A 553 17.86 0.44 -16.84
C ASP A 553 18.49 1.02 -15.56
N CYS A 554 19.68 0.53 -15.23
N CYS A 554 19.69 0.56 -15.25
CA CYS A 554 20.35 0.99 -14.00
CA CYS A 554 20.37 0.97 -14.02
C CYS A 554 20.60 2.49 -14.02
C CYS A 554 20.78 2.45 -14.03
N ARG A 555 20.75 3.11 -15.19
CA ARG A 555 21.04 4.54 -15.24
C ARG A 555 19.89 5.37 -14.64
N ASP A 556 18.68 4.83 -14.70
CA ASP A 556 17.53 5.56 -14.14
C ASP A 556 17.66 5.56 -12.60
N TYR A 557 18.27 4.54 -12.02
CA TYR A 557 18.51 4.59 -10.56
C TYR A 557 19.55 5.68 -10.26
N ALA A 558 20.56 5.84 -11.13
CA ALA A 558 21.58 6.87 -10.85
C ALA A 558 20.97 8.27 -10.79
N VAL A 559 20.06 8.56 -11.72
CA VAL A 559 19.41 9.87 -11.78
C VAL A 559 18.62 10.16 -10.48
N VAL A 560 17.80 9.19 -10.05
N VAL A 560 17.87 9.14 -10.08
CA VAL A 560 16.99 9.45 -8.84
CA VAL A 560 16.98 9.21 -8.95
C VAL A 560 17.86 9.52 -7.60
C VAL A 560 17.73 9.33 -7.61
N LEU A 561 18.89 8.68 -7.53
CA LEU A 561 19.76 8.72 -6.34
C LEU A 561 20.32 10.13 -6.17
N ARG A 562 20.67 10.80 -7.28
CA ARG A 562 21.16 12.17 -7.15
C ARG A 562 20.07 13.13 -6.68
N LYS A 563 18.84 12.97 -7.21
CA LYS A 563 17.69 13.75 -6.75
C LYS A 563 17.47 13.54 -5.23
N TYR A 564 17.53 12.28 -4.78
CA TYR A 564 17.26 12.02 -3.34
C TYR A 564 18.38 12.56 -2.48
N ALA A 565 19.62 12.48 -2.97
CA ALA A 565 20.74 13.06 -2.21
C ALA A 565 20.61 14.57 -2.11
N ASP A 566 20.30 15.23 -3.23
CA ASP A 566 20.04 16.68 -3.16
C ASP A 566 18.94 17.01 -2.11
N LYS A 567 17.89 16.20 -2.08
CA LYS A 567 16.74 16.41 -1.20
CA LYS A 567 16.76 16.47 -1.20
C LYS A 567 17.14 16.29 0.28
N ILE A 568 17.84 15.22 0.60
CA ILE A 568 18.20 15.00 2.01
C ILE A 568 19.26 16.04 2.48
N TYR A 569 20.20 16.40 1.60
CA TYR A 569 21.18 17.44 1.92
C TYR A 569 20.43 18.76 2.19
N SER A 570 19.42 19.07 1.37
CA SER A 570 18.64 20.29 1.56
C SER A 570 17.92 20.33 2.90
N ILE A 571 17.43 19.17 3.37
CA ILE A 571 16.78 19.12 4.69
C ILE A 571 17.82 19.45 5.77
N SER A 572 19.00 18.83 5.66
CA SER A 572 20.06 19.03 6.66
C SER A 572 20.51 20.47 6.70
N MET A 573 20.57 21.09 5.53
CA MET A 573 21.06 22.47 5.41
C MET A 573 20.13 23.54 6.00
N LYS A 574 18.97 23.11 6.49
CA LYS A 574 18.13 23.99 7.34
C LYS A 574 18.80 24.26 8.70
N HIS A 575 19.83 23.47 9.04
CA HIS A 575 20.56 23.58 10.32
C HIS A 575 22.06 23.82 10.13
N PRO A 576 22.45 24.96 9.48
CA PRO A 576 23.85 25.17 9.13
C PRO A 576 24.79 25.19 10.33
N GLN A 577 24.35 25.80 11.46
CA GLN A 577 25.21 25.88 12.66
C GLN A 577 25.55 24.48 13.20
N GLU A 578 24.55 23.61 13.30
CA GLU A 578 24.79 22.26 13.77
C GLU A 578 25.69 21.48 12.83
N MET A 579 25.51 21.66 11.52
CA MET A 579 26.37 20.95 10.57
C MET A 579 27.83 21.40 10.76
N LYS A 580 28.03 22.69 11.09
CA LYS A 580 29.37 23.22 11.37
C LYS A 580 29.91 22.60 12.66
N THR A 581 29.10 22.68 13.71
CA THR A 581 29.49 22.20 15.06
C THR A 581 29.87 20.74 15.08
N TYR A 582 29.05 19.89 14.44
CA TYR A 582 29.26 18.44 14.48
C TYR A 582 29.93 17.90 13.22
N SER A 583 30.43 18.80 12.35
CA SER A 583 31.19 18.36 11.18
C SER A 583 30.37 17.38 10.31
N VAL A 584 29.13 17.75 10.01
CA VAL A 584 28.21 16.86 9.28
C VAL A 584 28.39 17.11 7.78
N SER A 585 28.99 16.13 7.10
CA SER A 585 29.26 16.23 5.66
C SER A 585 28.50 15.18 4.88
N PHE A 586 27.91 15.62 3.76
CA PHE A 586 27.28 14.70 2.81
C PHE A 586 28.22 14.30 1.68
N ASP A 587 29.50 14.71 1.78
CA ASP A 587 30.48 14.45 0.69
C ASP A 587 30.54 12.96 0.31
N SER A 588 30.56 12.07 1.31
CA SER A 588 30.61 10.64 0.98
C SER A 588 29.40 10.16 0.22
N LEU A 589 28.21 10.68 0.53
CA LEU A 589 27.02 10.22 -0.18
C LEU A 589 27.05 10.70 -1.65
N PHE A 590 27.40 11.98 -1.86
CA PHE A 590 27.50 12.47 -3.24
C PHE A 590 28.57 11.74 -4.04
N SER A 591 29.70 11.43 -3.38
CA SER A 591 30.75 10.60 -4.02
C SER A 591 30.23 9.22 -4.45
N ALA A 592 29.52 8.55 -3.55
CA ALA A 592 28.93 7.25 -3.89
C ALA A 592 27.97 7.37 -5.07
N VAL A 593 27.14 8.42 -5.06
CA VAL A 593 26.15 8.62 -6.15
C VAL A 593 26.87 8.88 -7.49
N LYS A 594 27.92 9.70 -7.45
CA LYS A 594 28.77 9.95 -8.63
C LYS A 594 29.38 8.66 -9.16
N ASN A 595 29.89 7.81 -8.25
CA ASN A 595 30.45 6.54 -8.61
C ASN A 595 29.40 5.62 -9.22
N PHE A 596 28.20 5.59 -8.64
CA PHE A 596 27.13 4.76 -9.15
C PHE A 596 26.83 5.22 -10.59
N THR A 597 26.77 6.54 -10.77
CA THR A 597 26.44 7.11 -12.11
C THR A 597 27.44 6.64 -13.15
N GLU A 598 28.72 6.78 -12.78
N GLU A 598 28.74 6.80 -12.85
CA GLU A 598 29.86 6.39 -13.61
CA GLU A 598 29.78 6.34 -13.79
C GLU A 598 29.94 4.89 -13.96
C GLU A 598 29.73 4.83 -14.04
N ILE A 599 29.67 4.04 -12.96
CA ILE A 599 29.71 2.61 -13.12
C ILE A 599 28.48 2.12 -13.90
N ALA A 600 27.31 2.67 -13.59
CA ALA A 600 26.07 2.30 -14.32
C ALA A 600 26.21 2.63 -15.81
N SER A 601 26.83 3.77 -16.11
CA SER A 601 27.01 4.18 -17.53
C SER A 601 27.90 3.16 -18.25
N LYS A 602 28.97 2.73 -17.59
CA LYS A 602 29.86 1.76 -18.21
C LYS A 602 29.18 0.39 -18.35
N PHE A 603 28.45 -0.03 -17.32
CA PHE A 603 27.72 -1.28 -17.39
C PHE A 603 26.72 -1.24 -18.56
N SER A 604 26.02 -0.13 -18.74
CA SER A 604 25.08 -0.01 -19.86
C SER A 604 25.77 -0.19 -21.23
N GLU A 605 26.98 0.36 -21.36
CA GLU A 605 27.78 0.22 -22.61
C GLU A 605 28.05 -1.26 -22.84
N ARG A 606 28.50 -1.97 -21.78
CA ARG A 606 28.78 -3.40 -21.91
C ARG A 606 27.54 -4.18 -22.26
N LEU A 607 26.39 -3.80 -21.68
CA LEU A 607 25.16 -4.54 -21.90
C LEU A 607 24.71 -4.39 -23.35
N GLN A 608 25.02 -3.25 -23.94
CA GLN A 608 24.52 -2.96 -25.27
C GLN A 608 25.44 -3.59 -26.28
N ASP A 609 26.72 -3.81 -25.89
CA ASP A 609 27.86 -4.20 -26.73
C ASP A 609 28.34 -5.65 -26.54
N PHE A 610 27.73 -6.43 -25.67
CA PHE A 610 28.30 -7.77 -25.45
C PHE A 610 27.85 -8.77 -26.49
N SER A 613 26.14 -13.60 -28.76
N SER A 613 23.71 -14.97 -27.56
CA SER A 613 25.94 -15.04 -28.75
CA SER A 613 23.58 -16.41 -27.85
C SER A 613 26.33 -15.76 -27.42
C SER A 613 24.58 -17.24 -27.01
N ASN A 614 26.81 -15.04 -26.41
N ASN A 614 25.37 -16.57 -26.18
CA ASN A 614 27.31 -15.71 -25.17
CA ASN A 614 26.25 -17.27 -25.22
C ASN A 614 26.31 -15.73 -24.02
C ASN A 614 25.51 -17.43 -23.88
N PRO A 615 25.68 -16.88 -23.79
N PRO A 615 24.92 -18.62 -23.61
CA PRO A 615 24.59 -16.90 -22.82
CA PRO A 615 24.04 -18.77 -22.43
C PRO A 615 25.09 -16.74 -21.38
C PRO A 615 24.66 -18.34 -21.08
N ILE A 616 26.37 -17.02 -21.12
N ILE A 616 25.92 -18.63 -20.81
CA ILE A 616 26.88 -16.86 -19.75
CA ILE A 616 26.48 -18.26 -19.50
C ILE A 616 27.15 -15.38 -19.44
C ILE A 616 26.86 -16.79 -19.41
N VAL A 617 27.68 -14.64 -20.41
N VAL A 617 27.40 -16.23 -20.48
CA VAL A 617 27.85 -13.20 -20.25
CA VAL A 617 27.63 -14.79 -20.47
C VAL A 617 26.48 -12.56 -20.11
C VAL A 617 26.30 -14.02 -20.31
N LEU A 618 25.53 -12.98 -20.95
N LEU A 618 25.27 -14.45 -21.02
CA LEU A 618 24.14 -12.51 -20.85
CA LEU A 618 23.96 -13.81 -20.87
C LEU A 618 23.57 -12.77 -19.44
C LEU A 618 23.47 -14.00 -19.43
N ARG A 619 23.69 -14.01 -18.95
N ARG A 619 23.73 -15.16 -18.88
CA ARG A 619 23.05 -14.37 -17.69
CA ARG A 619 23.31 -15.34 -17.48
C ARG A 619 23.84 -13.78 -16.57
C ARG A 619 23.93 -14.33 -16.46
N MET A 620 25.17 -13.86 -16.68
CA MET A 620 25.96 -13.01 -15.73
C MET A 620 25.43 -11.59 -15.72
N MET A 621 25.17 -11.00 -16.91
CA MET A 621 24.67 -9.66 -16.93
C MET A 621 23.22 -9.56 -16.41
N ASN A 622 22.40 -10.55 -16.76
CA ASN A 622 21.00 -10.60 -16.21
C ASN A 622 21.05 -10.72 -14.67
N ASP A 623 21.99 -11.50 -14.14
CA ASP A 623 22.12 -11.61 -12.65
C ASP A 623 22.53 -10.26 -12.07
N GLN A 624 23.44 -9.53 -12.75
CA GLN A 624 23.81 -8.19 -12.22
C GLN A 624 22.59 -7.26 -12.23
N LEU A 625 21.79 -7.31 -13.30
CA LEU A 625 20.51 -6.57 -13.33
C LEU A 625 19.55 -6.99 -12.22
N MET A 626 19.41 -8.30 -12.04
CA MET A 626 18.43 -8.80 -11.04
C MET A 626 18.86 -8.48 -9.61
N PHE A 627 20.15 -8.62 -9.33
CA PHE A 627 20.67 -8.37 -7.98
C PHE A 627 20.93 -6.90 -7.65
N LEU A 628 20.69 -5.99 -8.62
CA LEU A 628 20.92 -4.58 -8.35
C LEU A 628 19.92 -4.04 -7.31
N GLU A 629 18.61 -4.30 -7.48
CA GLU A 629 17.66 -3.89 -6.42
C GLU A 629 18.07 -4.57 -5.08
N ARG A 630 18.54 -5.80 -5.21
CA ARG A 630 18.88 -6.60 -4.01
C ARG A 630 20.03 -5.92 -3.23
N ALA A 631 20.92 -5.24 -3.95
CA ALA A 631 22.09 -4.66 -3.31
C ALA A 631 21.73 -3.49 -2.40
N PHE A 632 20.52 -2.93 -2.52
CA PHE A 632 20.14 -1.83 -1.60
C PHE A 632 19.62 -2.31 -0.28
N ILE A 633 19.57 -3.62 -0.11
CA ILE A 633 19.16 -4.22 1.19
C ILE A 633 20.31 -4.19 2.18
N ASP A 634 20.01 -3.76 3.40
CA ASP A 634 20.95 -3.85 4.54
C ASP A 634 20.42 -4.94 5.47
N PRO A 635 21.20 -5.99 5.71
CA PRO A 635 20.66 -7.11 6.48
C PRO A 635 20.37 -6.71 7.96
N LEU A 636 20.91 -5.59 8.41
CA LEU A 636 20.61 -5.16 9.80
C LEU A 636 19.32 -4.32 9.89
N GLY A 637 18.72 -3.98 8.73
CA GLY A 637 17.46 -3.23 8.74
C GLY A 637 17.65 -1.77 9.10
N LEU A 638 16.56 -1.02 9.08
CA LEU A 638 16.57 0.37 9.57
C LEU A 638 16.33 0.42 11.06
N PRO A 639 16.69 1.55 11.71
CA PRO A 639 16.56 1.58 13.18
C PRO A 639 15.18 1.26 13.74
N ASP A 640 15.11 0.22 14.59
CA ASP A 640 13.89 -0.27 15.22
C ASP A 640 12.83 -0.77 14.23
N ARG A 641 13.23 -0.95 12.97
CA ARG A 641 12.31 -1.50 11.93
C ARG A 641 13.08 -2.56 11.11
N PRO A 642 13.31 -3.70 11.74
CA PRO A 642 14.16 -4.72 11.13
C PRO A 642 13.68 -5.29 9.82
N PHE A 643 12.38 -5.18 9.52
CA PHE A 643 11.84 -5.66 8.26
C PHE A 643 11.77 -4.63 7.15
N TYR A 644 12.22 -3.40 7.44
CA TYR A 644 12.40 -2.41 6.37
C TYR A 644 13.91 -2.35 6.14
N ARG A 645 14.38 -3.08 5.14
CA ARG A 645 15.83 -3.30 4.97
C ARG A 645 16.38 -2.53 3.74
N HIS A 646 15.50 -1.99 2.89
CA HIS A 646 15.97 -1.23 1.71
C HIS A 646 16.48 0.14 2.24
N VAL A 647 17.68 0.52 1.83
CA VAL A 647 18.32 1.75 2.36
C VAL A 647 17.85 2.98 1.58
N ILE A 648 17.36 2.78 0.36
CA ILE A 648 16.92 3.94 -0.45
C ILE A 648 15.46 4.28 -0.16
N TYR A 649 14.61 3.24 0.00
CA TYR A 649 13.15 3.46 0.16
C TYR A 649 12.60 2.74 1.38
N ALA A 650 11.84 3.46 2.21
CA ALA A 650 11.00 2.77 3.24
C ALA A 650 9.68 3.50 3.31
N PRO A 651 8.65 2.86 3.86
CA PRO A 651 7.39 3.58 4.13
C PRO A 651 7.69 4.70 5.11
N SER A 652 7.10 5.88 4.90
CA SER A 652 7.29 6.99 5.83
C SER A 652 6.93 6.54 7.25
N SER A 653 7.77 6.89 8.23
CA SER A 653 7.45 6.57 9.63
C SER A 653 6.20 7.33 10.13
N HIS A 654 5.77 8.33 9.36
CA HIS A 654 4.56 9.12 9.70
C HIS A 654 3.34 8.73 8.90
N ASN A 655 3.54 7.85 7.92
CA ASN A 655 2.41 7.54 7.01
C ASN A 655 2.82 6.34 6.16
N LYS A 656 2.38 5.16 6.55
CA LYS A 656 2.73 3.92 5.81
C LYS A 656 2.44 4.01 4.30
N TYR A 657 1.44 4.79 3.87
CA TYR A 657 1.15 4.81 2.44
C TYR A 657 2.21 5.50 1.63
N ALA A 658 2.93 6.46 2.24
CA ALA A 658 3.89 7.27 1.48
C ALA A 658 5.28 6.67 1.50
N GLY A 659 6.00 6.76 0.38
CA GLY A 659 7.42 6.31 0.44
C GLY A 659 8.29 7.46 0.91
N GLU A 660 9.38 7.12 1.60
CA GLU A 660 10.37 8.14 1.96
C GLU A 660 11.70 7.68 1.35
N SER A 661 12.48 8.64 0.80
CA SER A 661 13.79 8.29 0.29
C SER A 661 14.87 8.55 1.35
N PHE A 662 15.97 7.81 1.26
CA PHE A 662 17.03 7.82 2.30
C PHE A 662 16.36 7.88 3.68
N PRO A 663 15.49 6.90 3.97
CA PRO A 663 14.69 6.98 5.19
C PRO A 663 15.52 7.01 6.46
N GLY A 664 16.67 6.33 6.48
CA GLY A 664 17.44 6.32 7.75
C GLY A 664 17.97 7.72 8.05
N ILE A 665 18.45 8.43 7.01
CA ILE A 665 18.89 9.84 7.24
C ILE A 665 17.68 10.74 7.51
N TYR A 666 16.59 10.55 6.76
CA TYR A 666 15.40 11.36 6.94
C TYR A 666 14.90 11.32 8.40
N ASP A 667 14.73 10.10 8.94
CA ASP A 667 14.24 9.96 10.31
C ASP A 667 15.25 10.50 11.33
N ALA A 668 16.56 10.35 11.05
CA ALA A 668 17.58 10.95 11.95
C ALA A 668 17.46 12.48 11.98
N LEU A 669 17.11 13.09 10.85
CA LEU A 669 16.96 14.57 10.79
C LEU A 669 15.61 15.10 11.28
N PHE A 670 14.60 14.24 11.28
CA PHE A 670 13.23 14.72 11.52
C PHE A 670 13.07 15.30 12.94
N ASP A 671 12.56 16.53 13.03
CA ASP A 671 12.34 17.23 14.30
C ASP A 671 13.60 17.25 15.17
N ILE A 672 14.79 17.36 14.54
CA ILE A 672 16.05 17.20 15.29
C ILE A 672 16.28 18.39 16.23
N GLU A 673 15.73 19.55 15.87
CA GLU A 673 15.85 20.74 16.71
C GLU A 673 15.22 20.57 18.10
N SER A 674 14.37 19.55 18.26
CA SER A 674 13.67 19.28 19.53
C SER A 674 14.39 18.25 20.38
N LYS A 675 15.46 17.64 19.86
CA LYS A 675 16.15 16.59 20.61
C LYS A 675 16.99 17.21 21.71
N VAL A 676 16.94 16.61 22.90
N VAL A 676 16.96 16.56 22.87
CA VAL A 676 17.62 17.21 24.05
CA VAL A 676 17.58 17.09 24.08
C VAL A 676 19.14 17.08 24.00
C VAL A 676 19.11 17.01 24.08
N ASP A 677 19.66 16.05 23.34
CA ASP A 677 21.11 15.84 23.22
C ASP A 677 21.51 16.00 21.74
N PRO A 678 21.81 17.24 21.32
CA PRO A 678 22.10 17.42 19.90
C PRO A 678 23.35 16.68 19.39
N SER A 679 24.37 16.53 20.24
CA SER A 679 25.57 15.76 19.88
C SER A 679 25.20 14.35 19.47
N LYS A 680 24.36 13.69 20.28
CA LYS A 680 23.97 12.34 19.97
C LYS A 680 23.11 12.31 18.71
N ALA A 681 22.18 13.26 18.60
CA ALA A 681 21.26 13.26 17.44
C ALA A 681 22.02 13.48 16.12
N TRP A 682 22.92 14.46 16.10
CA TRP A 682 23.72 14.71 14.89
C TRP A 682 24.72 13.58 14.63
N GLY A 683 25.24 12.96 15.69
CA GLY A 683 26.05 11.73 15.46
C GLY A 683 25.28 10.64 14.74
N GLU A 684 24.01 10.45 15.07
CA GLU A 684 23.18 9.47 14.41
C GLU A 684 22.91 9.91 12.97
N VAL A 685 22.75 11.21 12.71
CA VAL A 685 22.63 11.67 11.30
C VAL A 685 23.90 11.24 10.54
N LYS A 686 25.06 11.53 11.11
CA LYS A 686 26.33 11.13 10.45
C LYS A 686 26.42 9.61 10.25
N ARG A 687 26.00 8.84 11.24
CA ARG A 687 25.98 7.38 11.05
C ARG A 687 25.13 6.94 9.87
N GLN A 688 23.97 7.56 9.71
CA GLN A 688 23.06 7.21 8.63
C GLN A 688 23.61 7.68 7.28
N ILE A 689 24.31 8.83 7.25
CA ILE A 689 24.98 9.22 6.01
C ILE A 689 26.00 8.15 5.58
N TYR A 690 26.80 7.69 6.53
CA TYR A 690 27.79 6.62 6.27
C TYR A 690 27.11 5.33 5.78
N VAL A 691 26.04 4.92 6.45
CA VAL A 691 25.36 3.71 5.97
C VAL A 691 24.82 3.87 4.54
N ALA A 692 24.22 5.03 4.25
CA ALA A 692 23.69 5.28 2.91
C ALA A 692 24.78 5.37 1.83
N ALA A 693 25.88 6.07 2.13
CA ALA A 693 27.00 6.22 1.18
C ALA A 693 27.61 4.85 0.90
N PHE A 694 27.77 4.06 1.96
CA PHE A 694 28.36 2.74 1.78
C PHE A 694 27.44 1.85 0.91
N THR A 695 26.13 1.91 1.19
CA THR A 695 25.18 1.02 0.50
C THR A 695 25.13 1.43 -0.97
N VAL A 696 25.10 2.74 -1.26
CA VAL A 696 25.06 3.16 -2.69
C VAL A 696 26.35 2.71 -3.40
N GLN A 697 27.50 2.88 -2.74
CA GLN A 697 28.78 2.45 -3.36
C GLN A 697 28.81 0.91 -3.54
N ALA A 698 28.33 0.17 -2.54
CA ALA A 698 28.30 -1.28 -2.65
C ALA A 698 27.39 -1.73 -3.81
N ALA A 699 26.22 -1.09 -3.97
CA ALA A 699 25.31 -1.44 -5.07
C ALA A 699 25.99 -1.10 -6.40
N ALA A 700 26.62 0.08 -6.48
CA ALA A 700 27.39 0.42 -7.72
C ALA A 700 28.40 -0.68 -8.06
N GLU A 701 29.12 -1.17 -7.05
CA GLU A 701 30.16 -2.14 -7.31
C GLU A 701 29.63 -3.49 -7.80
N THR A 702 28.35 -3.77 -7.56
CA THR A 702 27.76 -5.00 -8.17
C THR A 702 27.66 -4.91 -9.71
N LEU A 703 27.76 -3.68 -10.25
CA LEU A 703 27.67 -3.45 -11.71
C LEU A 703 29.06 -3.36 -12.34
N SER A 704 30.12 -3.34 -11.52
CA SER A 704 31.48 -3.37 -12.06
C SER A 704 31.75 -4.71 -12.76
N GLU A 705 32.78 -4.75 -13.61
CA GLU A 705 33.24 -6.04 -14.13
C GLU A 705 33.51 -7.01 -12.95
N VAL A 706 33.08 -8.25 -13.12
CA VAL A 706 32.98 -9.19 -11.98
C VAL A 706 34.36 -9.73 -11.55
N ALA A 707 35.36 -9.61 -12.43
CA ALA A 707 36.73 -10.11 -12.20
C ALA A 707 37.64 -9.59 -13.29
C1 NAG B . -18.54 -17.62 -10.23
C2 NAG B . -19.92 -18.11 -9.82
C3 NAG B . -19.87 -19.59 -9.49
C4 NAG B . -19.17 -20.44 -10.56
C5 NAG B . -17.86 -19.75 -11.00
C6 NAG B . -17.13 -20.43 -12.16
C7 NAG B . -21.32 -16.40 -8.81
C8 NAG B . -21.70 -15.70 -7.55
N2 NAG B . -20.38 -17.35 -8.68
O3 NAG B . -21.21 -20.02 -9.39
O4 NAG B . -18.85 -21.69 -9.96
O5 NAG B . -18.15 -18.41 -11.34
O6 NAG B . -18.02 -20.51 -13.27
O7 NAG B . -21.86 -16.09 -9.88
C1 NAG B . -19.39 -22.78 -10.76
C2 NAG B . -18.63 -24.07 -10.40
C3 NAG B . -19.28 -25.30 -11.03
C4 NAG B . -20.81 -25.33 -10.85
C5 NAG B . -21.40 -23.96 -11.28
C6 NAG B . -22.90 -23.88 -11.04
C7 NAG B . -16.17 -23.71 -10.04
C8 NAG B . -16.39 -23.35 -8.62
N2 NAG B . -17.23 -24.01 -10.80
O3 NAG B . -18.69 -26.45 -10.43
O4 NAG B . -21.41 -26.43 -11.53
O5 NAG B . -20.78 -22.92 -10.52
O6 NAG B . -23.12 -23.82 -9.63
O7 NAG B . -14.99 -23.70 -10.49
C1 NAG C . -28.22 3.46 23.38
C2 NAG C . -29.64 3.82 23.80
C3 NAG C . -29.88 3.41 25.25
C4 NAG C . -29.46 1.95 25.57
C5 NAG C . -28.07 1.61 24.95
C6 NAG C . -27.76 0.10 24.99
C7 NAG C . -30.55 5.81 22.70
C8 NAG C . -30.65 7.30 22.67
N2 NAG C . -29.81 5.25 23.66
O3 NAG C . -31.22 3.64 25.60
O4 NAG C . -29.40 1.83 26.99
O5 NAG C . -27.96 2.08 23.61
O6 NAG C . -28.71 -0.66 24.27
O7 NAG C . -31.13 5.15 21.84
C1 NAG C . -30.05 0.64 27.52
C2 NAG C . -29.48 0.32 28.91
C3 NAG C . -30.20 -0.88 29.56
C4 NAG C . -31.72 -0.76 29.48
C5 NAG C . -32.11 -0.46 28.01
C6 NAG C . -33.63 -0.40 27.77
C7 NAG C . -27.11 1.01 29.02
C8 NAG C . -25.67 0.58 28.87
N2 NAG C . -28.04 0.08 28.82
O3 NAG C . -29.82 -0.93 30.92
O4 NAG C . -32.36 -1.91 30.03
O5 NAG C . -31.48 0.75 27.58
O6 NAG C . -34.11 0.90 28.01
O7 NAG C . -27.36 2.19 29.32
C1 NAG D . 13.15 1.43 -24.42
C2 NAG D . 14.19 0.37 -24.08
C3 NAG D . 15.55 0.88 -24.50
C4 NAG D . 15.58 1.33 -25.96
C5 NAG D . 14.44 2.34 -26.20
C6 NAG D . 14.28 2.81 -27.65
C7 NAG D . 14.01 -1.08 -22.08
C8 NAG D . 13.96 -2.23 -23.04
N2 NAG D . 14.16 0.11 -22.64
O3 NAG D . 16.53 -0.11 -24.23
O4 NAG D . 16.78 1.99 -26.19
O5 NAG D . 13.21 1.73 -25.81
O6 NAG D . 14.26 1.71 -28.54
O7 NAG D . 14.00 -1.28 -20.80
C1 NAG D . 17.45 1.46 -27.37
C2 NAG D . 18.59 2.46 -27.63
C3 NAG D . 19.47 1.97 -28.78
C4 NAG D . 19.93 0.53 -28.52
C5 NAG D . 18.70 -0.36 -28.24
C6 NAG D . 19.12 -1.81 -27.99
C7 NAG D . 18.07 4.81 -27.05
C8 NAG D . 18.65 4.69 -25.68
N2 NAG D . 18.06 3.78 -27.91
O3 NAG D . 20.59 2.84 -28.93
O4 NAG D . 20.56 0.03 -29.67
O5 NAG D . 18.00 0.16 -27.10
O6 NAG D . 19.96 -1.87 -26.84
O7 NAG D . 17.57 5.88 -27.40
C1 NAG E . 34.18 6.68 -5.43
C2 NAG E . 34.39 6.21 -3.97
C3 NAG E . 35.80 6.67 -3.55
C4 NAG E . 36.87 6.17 -4.54
C5 NAG E . 36.48 6.50 -6.00
C6 NAG E . 37.45 5.80 -6.99
C7 NAG E . 32.84 6.04 -2.11
C8 NAG E . 31.81 6.73 -1.26
N2 NAG E . 33.37 6.77 -3.09
O3 NAG E . 36.09 6.16 -2.26
O4 NAG E . 38.13 6.84 -4.40
O5 NAG E . 35.18 6.04 -6.23
O6 NAG E . 37.46 6.48 -8.24
O7 NAG E . 33.18 4.87 -1.86
C1 NAG E . 38.85 6.29 -3.30
C2 NAG E . 40.30 6.05 -3.67
C3 NAG E . 41.16 5.77 -2.45
C4 NAG E . 40.95 6.85 -1.38
C5 NAG E . 39.45 6.82 -1.08
C6 NAG E . 39.03 7.67 0.11
C7 NAG E . 40.78 5.12 -5.89
C8 NAG E . 41.07 6.51 -6.37
N2 NAG E . 40.41 4.93 -4.61
O3 NAG E . 42.52 5.71 -2.88
O4 NAG E . 41.58 6.52 -0.14
O5 NAG E . 38.76 7.23 -2.27
O6 NAG E . 39.08 9.02 -0.29
O7 NAG E . 40.90 4.18 -6.68
C1 BMA E . 42.94 6.92 -0.04
C2 BMA E . 43.21 7.29 1.43
C3 BMA E . 44.66 7.64 1.63
C4 BMA E . 45.52 6.48 1.10
C5 BMA E . 45.15 6.08 -0.34
C6 BMA E . 45.89 4.83 -0.84
O2 BMA E . 42.82 6.19 2.29
O3 BMA E . 44.81 7.85 3.05
O4 BMA E . 46.88 6.83 1.22
O5 BMA E . 43.75 5.81 -0.42
O6 BMA E . 45.47 4.47 -2.18
C1 MAN E . 45.56 9.06 3.37
C2 MAN E . 46.04 8.91 4.82
C3 MAN E . 44.84 9.03 5.79
C4 MAN E . 43.98 10.27 5.55
C5 MAN E . 43.63 10.33 4.06
C6 MAN E . 42.69 11.48 3.66
O2 MAN E . 47.00 9.92 5.03
O3 MAN E . 45.25 8.99 7.14
O4 MAN E . 42.80 10.17 6.35
O5 MAN E . 44.81 10.28 3.27
O6 MAN E . 43.33 12.72 3.81
C1 NAG F . -19.39 -12.27 22.63
C2 NAG F . -18.47 -13.14 23.45
C3 NAG F . -19.22 -14.13 24.36
C4 NAG F . -20.41 -13.46 25.08
C5 NAG F . -21.23 -12.66 24.05
C6 NAG F . -22.56 -12.05 24.56
C7 NAG F . -16.34 -13.72 22.44
C8 NAG F . -15.65 -12.84 23.44
N2 NAG F . -17.66 -13.84 22.48
O3 NAG F . -18.27 -14.58 25.29
O4 NAG F . -21.21 -14.41 25.77
O5 NAG F . -20.39 -11.67 23.43
O6 NAG F . -22.39 -11.12 25.61
O7 NAG F . -15.68 -14.33 21.60
C1 NAG G . -1.05 15.66 30.73
C2 NAG G . 0.36 15.97 31.21
C3 NAG G . 0.90 14.74 31.94
C4 NAG G . 0.03 14.51 33.17
C5 NAG G . -1.45 14.36 32.84
C6 NAG G . -2.24 14.67 34.13
C7 NAG G . 1.61 17.70 29.96
C8 NAG G . 2.57 17.97 28.83
N2 NAG G . 1.27 16.42 30.15
O3 NAG G . 2.24 14.95 32.31
O4 NAG G . 0.50 13.38 33.88
O5 NAG G . -1.91 15.21 31.79
O6 NAG G . -3.44 13.94 34.21
O7 NAG G . 1.18 18.67 30.63
C1 NAG H . -15.62 9.66 -14.97
C2 NAG H . -15.81 10.26 -13.56
C3 NAG H . -16.82 11.43 -13.57
C4 NAG H . -16.46 12.52 -14.62
C5 NAG H . -16.13 11.84 -15.97
C6 NAG H . -15.66 12.85 -17.02
C7 NAG H . -15.47 9.00 -11.50
C8 NAG H . -15.95 7.95 -10.55
N2 NAG H . -16.19 9.23 -12.59
O3 NAG H . -16.84 12.06 -12.31
O4 NAG H . -17.51 13.52 -14.77
O5 NAG H . -15.20 10.74 -15.82
O6 NAG H . -14.50 13.57 -16.62
O7 NAG H . -14.44 9.62 -11.24
ZN ZN I . -8.45 -2.18 1.30
ZN ZN J . -6.65 -3.75 -1.44
CA CA K . 5.31 -14.71 10.19
CL CL L . -1.91 -2.06 -7.02
CAM 2H9 M . -4.32 6.27 -2.38
CAK 2H9 M . -4.14 7.63 -2.03
CAJ 2H9 M . -3.68 7.97 -0.76
CAL 2H9 M . -3.38 6.99 0.22
CAN 2H9 M . -3.56 5.63 -0.12
CAY 2H9 M . -4.03 5.29 -1.40
CAX 2H9 M . -4.21 3.83 -1.78
OAD 2H9 M . -4.17 3.51 -2.97
NAR 2H9 M . -4.44 2.98 -0.79
CBA 2H9 M . -4.76 1.56 -1.04
CAW 2H9 M . -3.95 0.86 -2.18
OAH 2H9 M . -2.71 0.88 -2.06
OAC 2H9 M . -4.61 0.31 -3.10
CAQ 2H9 M . -4.55 0.73 0.25
OAT 2H9 M . -4.96 -0.60 -0.15
PBB 2H9 M . -5.59 -1.57 0.86
OAI 2H9 M . -5.95 -2.80 0.10
OAE 2H9 M . -6.86 -0.95 1.51
N 2H9 M . -4.44 -1.92 2.02
CA 2H9 M . -5.02 -2.00 3.40
C 2H9 M . -5.35 -0.62 4.01
OXT 2H9 M . -4.77 0.37 3.55
O 2H9 M . -6.20 -0.64 4.96
CB 2H9 M . -4.03 -2.71 4.40
CG 2H9 M . -2.66 -2.01 4.39
CD 2H9 M . -1.69 -2.49 5.49
OE2 2H9 M . -0.47 -2.20 5.34
OE1 2H9 M . -2.15 -3.06 6.51
#